data_7BWM
#
_entry.id   7BWM
#
_cell.length_a   1.00
_cell.length_b   1.00
_cell.length_c   1.00
_cell.angle_alpha   90.00
_cell.angle_beta   90.00
_cell.angle_gamma   90.00
#
_symmetry.space_group_name_H-M   'P 1'
#
_entity_poly.entity_id   1
_entity_poly.type   'polypeptide(L)'
_entity_poly.pdbx_seq_one_letter_code
;NAINPRLTPWTYRNTSFSSLPLTGENPGAWALVRDNSAKGITAGSGSQQTTYDPTRTEAALTASTTFALRRYDLAGRALY
DLDFSKLNPQTPTRDQTGQITFNPFGGFGLSGAAPQQWNEVKNKVPVEVAQDPSNPYRFAVLLVPRSVVYYEQLQRGLGL
PQQRTESGQNTSTTGAMFGLKVKNAEADTAKSNEKLQGAEATGSSTTSGSGQSTQRGGSSGDTKVKALKIEVKKKSDSED
NGQLQLEKNDLANAPIKRSEESGQSVQLKADDFGTALSSSGSGGNSNPGSPTPWRPWLATEQIHKDLPKWSASILILYDA
PYARNRTAIDRVDHLDPKAMTANYPPSWRTPKWNHHGLWDWKARDVLLQTTGFFNPRRHPEWFDGGQTVADNEKTGFDVD
NSENTKQGFQKEADSDKSAPIALPFEAYFANIGNLTWFGQALLVFGGNGHVTKSAHTAPLSIGVFRVRYNATGTSATVTG
WPYALLFSGMVNKQTDGLKDLPFNNNRWFEYVPRMAVAGAKFVGRELVLAGTITMGDTATVPRLLYDELESNLNLVAQGQ
GLLREDLQLFTPYGWANRPDLPIGAWSSSSSSSHNAPYYFHNNPDWQDRPIQNVVDAFIKPWEDKNGKDDAKYIYPYRYS
GMWAWQVYNWSNKLTDQPLSADFVNENAYQPNSLFAAILNPELLAALPDKVKYGKENEFAANEYERFNQKLTVAPTQGTN
WSHFSPTLSRFSTGFNLVGSVLDQVLDYVPWIGNGYRYGNNHRGVDDITAPQTSAGSSSGISTNTSGSRSFLPTFSNIGV
GLKANVQATLGGSQTMITGGSPRRTLDQANLQLWTGAGWRNDKASSGQSDENHTKFTSATGMDQQGQSGTSAGNPDSLKQ
DNISKSGDSLTTQDGNAIDQQEATNYTNLPPNLTPTADWPNALSFTNKNNAQRAQLFLRGLLGSIPVLVNRSGSDSNKFQ
ATDQKWSYTDLHSDQTKLNLPAYGEVNGLLNPALVETYFGNTRAGGSGSNTTSSPGIGFKIPEQNNDSKATLITPGLAWT
PQDVGNLVVSGTTVSFQLGGWLVTFTDFVKPRAGYLGLQLTGLDASDATQRALIWAPRPWAAFRGSWVNRLGRVESVWDL
KGVWADQAQSDSQGSTTTATRNALPEHPNALAFQVSVVEASAYKPNTSSGQTQSTNSSPYLHLVKPKKVTQSDKLDDDLK
NLLDPNQVRTKLRQSFGTDHSTQPQPQSLKTTTPVFGTSSGNLSSVLSGGGAGGGSSGSGQSGVDLSPVEKVSGWLVGQL
PSTSDGNTSSTNNLAPNTNTGNDVVGVGRLSESNAAKMNDDVDGIVRT
;
_entity_poly.pdbx_strand_id   A
#
# COMPACT_ATOMS: atom_id res chain seq x y z
N ASN A 1 -18.86 -42.74 -22.38
CA ASN A 1 -18.40 -41.41 -22.76
C ASN A 1 -17.44 -40.87 -21.69
N ALA A 2 -16.20 -41.35 -21.72
CA ALA A 2 -15.22 -40.90 -20.73
C ALA A 2 -14.74 -39.48 -21.03
N ILE A 3 -14.28 -39.24 -22.26
CA ILE A 3 -13.72 -37.96 -22.65
C ILE A 3 -14.80 -37.12 -23.29
N ASN A 4 -15.38 -36.21 -22.52
CA ASN A 4 -16.35 -35.26 -23.06
C ASN A 4 -15.59 -34.23 -23.89
N PRO A 5 -15.84 -34.14 -25.20
CA PRO A 5 -15.09 -33.18 -26.03
C PRO A 5 -15.70 -31.79 -26.02
N ARG A 6 -16.93 -31.64 -25.57
CA ARG A 6 -17.55 -30.32 -25.47
C ARG A 6 -16.86 -29.47 -24.41
N LEU A 7 -16.01 -30.08 -23.58
CA LEU A 7 -15.29 -29.38 -22.53
C LEU A 7 -13.84 -29.16 -22.92
N THR A 8 -13.26 -28.07 -22.46
CA THR A 8 -11.91 -27.65 -22.79
C THR A 8 -11.25 -27.02 -21.57
N PRO A 9 -9.92 -26.99 -21.53
CA PRO A 9 -9.24 -26.51 -20.33
C PRO A 9 -9.54 -25.05 -20.03
N TRP A 10 -9.19 -24.64 -18.81
CA TRP A 10 -9.33 -23.25 -18.39
C TRP A 10 -8.50 -23.06 -17.12
N THR A 11 -8.32 -21.80 -16.74
CA THR A 11 -7.48 -21.43 -15.60
C THR A 11 -8.30 -20.62 -14.62
N TYR A 12 -8.17 -20.95 -13.32
CA TYR A 12 -8.84 -20.19 -12.28
C TYR A 12 -8.04 -18.94 -11.96
N ARG A 13 -8.65 -17.77 -12.13
CA ARG A 13 -7.91 -16.53 -12.09
C ARG A 13 -7.32 -16.25 -10.71
N ASN A 14 -8.01 -16.69 -9.65
CA ASN A 14 -7.60 -16.32 -8.31
C ASN A 14 -6.28 -16.95 -7.90
N THR A 15 -5.89 -18.06 -8.53
CA THR A 15 -4.71 -18.79 -8.11
C THR A 15 -3.79 -19.24 -9.24
N SER A 16 -4.13 -18.94 -10.50
CA SER A 16 -3.38 -19.38 -11.66
C SER A 16 -3.31 -20.90 -11.77
N PHE A 17 -4.29 -21.60 -11.22
CA PHE A 17 -4.29 -23.05 -11.26
C PHE A 17 -4.93 -23.54 -12.55
N SER A 18 -4.21 -24.38 -13.28
CA SER A 18 -4.70 -24.92 -14.53
C SER A 18 -4.66 -26.44 -14.50
N SER A 19 -3.62 -27.00 -13.89
CA SER A 19 -3.46 -28.45 -13.84
C SER A 19 -2.52 -28.80 -12.70
N LEU A 20 -2.40 -30.10 -12.45
CA LEU A 20 -1.53 -30.63 -11.40
C LEU A 20 -0.77 -31.82 -11.94
N PRO A 21 0.55 -31.72 -12.12
CA PRO A 21 1.31 -32.89 -12.55
C PRO A 21 1.41 -33.93 -11.44
N LEU A 22 1.47 -35.19 -11.84
CA LEU A 22 1.59 -36.31 -10.92
C LEU A 22 2.74 -37.19 -11.35
N THR A 23 3.47 -37.74 -10.39
CA THR A 23 4.53 -38.70 -10.65
C THR A 23 4.52 -39.79 -9.58
N GLY A 24 5.42 -40.75 -9.73
CA GLY A 24 5.54 -41.80 -8.72
C GLY A 24 4.56 -42.92 -8.95
N GLU A 25 3.81 -43.25 -7.89
CA GLU A 25 2.94 -44.42 -7.92
C GLU A 25 1.69 -44.17 -8.76
N ASN A 26 1.29 -42.91 -8.91
CA ASN A 26 0.08 -42.54 -9.64
C ASN A 26 0.43 -41.48 -10.69
N PRO A 27 1.16 -41.84 -11.73
CA PRO A 27 1.64 -40.86 -12.70
C PRO A 27 0.49 -40.33 -13.57
N GLY A 28 0.68 -39.11 -14.07
CA GLY A 28 -0.31 -38.47 -14.90
C GLY A 28 -0.52 -37.02 -14.56
N ALA A 29 -1.77 -36.56 -14.60
CA ALA A 29 -2.10 -35.18 -14.29
C ALA A 29 -3.61 -35.05 -14.13
N TRP A 30 -4.00 -33.99 -13.42
CA TRP A 30 -5.39 -33.53 -13.37
C TRP A 30 -5.45 -32.14 -13.99
N ALA A 31 -6.51 -31.85 -14.75
CA ALA A 31 -6.70 -30.55 -15.35
C ALA A 31 -8.16 -30.14 -15.28
N LEU A 32 -8.41 -28.85 -15.12
CA LEU A 32 -9.76 -28.32 -15.11
C LEU A 32 -10.27 -28.18 -16.53
N VAL A 33 -11.55 -28.49 -16.74
CA VAL A 33 -12.17 -28.37 -18.05
C VAL A 33 -13.59 -27.84 -17.87
N ARG A 34 -14.06 -27.09 -18.85
CA ARG A 34 -15.42 -26.54 -18.82
C ARG A 34 -15.90 -26.29 -20.23
N ASP A 35 -17.17 -25.95 -20.33
CA ASP A 35 -17.77 -25.47 -21.58
C ASP A 35 -17.31 -24.03 -21.77
N ASN A 36 -16.30 -23.84 -22.61
CA ASN A 36 -15.71 -22.52 -22.78
C ASN A 36 -16.50 -21.64 -23.74
N SER A 37 -17.63 -22.12 -24.26
CA SER A 37 -18.42 -21.35 -25.21
C SER A 37 -19.66 -20.74 -24.59
N ALA A 38 -19.94 -21.02 -23.32
CA ALA A 38 -21.14 -20.49 -22.68
C ALA A 38 -21.00 -18.99 -22.45
N LYS A 39 -22.14 -18.32 -22.31
CA LYS A 39 -22.14 -16.89 -22.05
C LYS A 39 -21.83 -16.57 -20.60
N GLY A 40 -22.45 -17.27 -19.66
CA GLY A 40 -22.35 -16.88 -18.27
C GLY A 40 -23.58 -16.09 -17.89
N ILE A 41 -23.37 -14.94 -17.25
CA ILE A 41 -24.49 -14.15 -16.77
C ILE A 41 -24.81 -13.06 -17.79
N THR A 42 -26.07 -12.97 -18.18
CA THR A 42 -26.53 -11.93 -19.11
C THR A 42 -27.88 -11.38 -18.69
N SER A 47 -23.96 2.05 -18.55
CA SER A 47 -24.39 1.59 -19.87
C SER A 47 -25.55 0.60 -19.75
N GLN A 48 -26.67 1.08 -19.20
CA GLN A 48 -27.88 0.28 -19.05
C GLN A 48 -27.63 -0.97 -18.20
N GLN A 49 -26.82 -0.83 -17.16
CA GLN A 49 -26.58 -1.94 -16.25
C GLN A 49 -27.79 -2.18 -15.35
N THR A 50 -28.07 -3.45 -15.04
CA THR A 50 -29.25 -3.81 -14.27
C THR A 50 -28.83 -4.66 -13.09
N THR A 51 -29.82 -4.96 -12.23
CA THR A 51 -29.59 -5.71 -11.00
C THR A 51 -29.89 -7.19 -11.23
N TYR A 52 -28.99 -8.05 -10.77
CA TYR A 52 -29.15 -9.49 -10.90
C TYR A 52 -29.42 -10.08 -9.52
N ASP A 53 -30.57 -10.72 -9.37
CA ASP A 53 -30.86 -11.43 -8.12
C ASP A 53 -29.94 -12.63 -8.01
N PRO A 54 -29.42 -12.93 -6.81
CA PRO A 54 -28.47 -14.04 -6.70
C PRO A 54 -29.06 -15.41 -7.01
N THR A 55 -30.23 -15.72 -6.45
CA THR A 55 -30.83 -17.03 -6.63
C THR A 55 -31.06 -17.34 -8.10
N ARG A 56 -31.72 -16.42 -8.82
CA ARG A 56 -32.03 -16.64 -10.22
C ARG A 56 -30.77 -16.73 -11.06
N THR A 57 -29.75 -15.94 -10.72
CA THR A 57 -28.48 -16.00 -11.44
C THR A 57 -27.82 -17.36 -11.29
N GLU A 58 -27.76 -17.86 -10.06
CA GLU A 58 -27.16 -19.18 -9.83
C GLU A 58 -27.98 -20.28 -10.49
N ALA A 59 -29.31 -20.11 -10.52
CA ALA A 59 -30.15 -21.09 -11.19
C ALA A 59 -29.87 -21.15 -12.69
N ALA A 60 -29.84 -19.99 -13.35
CA ALA A 60 -29.56 -19.97 -14.77
C ALA A 60 -28.15 -20.47 -15.07
N LEU A 61 -27.20 -20.19 -14.18
CA LEU A 61 -25.84 -20.67 -14.40
C LEU A 61 -25.75 -22.17 -14.25
N THR A 62 -26.48 -22.75 -13.31
CA THR A 62 -26.55 -24.21 -13.24
C THR A 62 -27.20 -24.79 -14.48
N ALA A 63 -28.26 -24.14 -14.97
CA ALA A 63 -29.01 -24.68 -16.10
C ALA A 63 -28.33 -24.42 -17.45
N SER A 64 -27.26 -23.62 -17.49
CA SER A 64 -26.65 -23.27 -18.77
C SER A 64 -25.13 -23.39 -18.82
N THR A 65 -24.50 -24.10 -17.88
CA THR A 65 -23.05 -24.25 -17.85
C THR A 65 -22.68 -25.68 -17.50
N THR A 66 -21.39 -25.98 -17.56
CA THR A 66 -20.87 -27.31 -17.29
C THR A 66 -19.40 -27.24 -16.90
N PHE A 67 -19.05 -27.85 -15.77
CA PHE A 67 -17.68 -27.88 -15.27
C PHE A 67 -17.32 -29.30 -14.85
N ALA A 68 -16.05 -29.66 -15.02
CA ALA A 68 -15.60 -31.02 -14.75
C ALA A 68 -14.14 -31.02 -14.36
N LEU A 69 -13.59 -32.23 -14.24
CA LEU A 69 -12.16 -32.47 -14.13
C LEU A 69 -11.75 -33.44 -15.23
N ARG A 70 -10.47 -33.46 -15.57
CA ARG A 70 -9.96 -34.36 -16.61
C ARG A 70 -8.69 -35.02 -16.12
N ARG A 71 -8.65 -36.35 -16.24
CA ARG A 71 -7.51 -37.14 -15.79
C ARG A 71 -6.64 -37.52 -16.98
N TYR A 72 -5.34 -37.46 -16.80
CA TYR A 72 -4.38 -37.81 -17.84
C TYR A 72 -3.45 -38.90 -17.34
N ASP A 73 -2.73 -39.51 -18.28
CA ASP A 73 -1.72 -40.51 -17.94
C ASP A 73 -0.33 -39.92 -18.13
N LEU A 74 0.68 -40.75 -17.86
CA LEU A 74 2.06 -40.30 -17.99
C LEU A 74 2.41 -39.95 -19.43
N ALA A 75 1.70 -40.51 -20.40
CA ALA A 75 1.99 -40.24 -21.80
C ALA A 75 1.28 -38.98 -22.31
N GLY A 76 0.32 -38.45 -21.56
CA GLY A 76 -0.40 -37.26 -21.96
C GLY A 76 -1.74 -37.51 -22.63
N ARG A 77 -2.33 -38.69 -22.45
CA ARG A 77 -3.63 -38.99 -23.01
C ARG A 77 -4.72 -38.78 -21.97
N ALA A 78 -5.88 -38.32 -22.41
CA ALA A 78 -7.01 -38.11 -21.51
C ALA A 78 -7.70 -39.44 -21.22
N LEU A 79 -7.77 -39.80 -19.94
CA LEU A 79 -8.35 -41.07 -19.53
C LEU A 79 -9.85 -40.98 -19.31
N TYR A 80 -10.31 -40.01 -18.54
CA TYR A 80 -11.74 -39.83 -18.30
C TYR A 80 -12.00 -38.44 -17.76
N ASP A 81 -13.27 -38.16 -17.51
CA ASP A 81 -13.72 -36.91 -16.91
C ASP A 81 -14.55 -37.20 -15.67
N LEU A 82 -14.72 -36.18 -14.82
CA LEU A 82 -15.58 -36.28 -13.64
C LEU A 82 -16.49 -35.05 -13.63
N ASP A 83 -17.74 -35.25 -14.04
CA ASP A 83 -18.76 -34.21 -13.97
C ASP A 83 -19.56 -34.43 -12.69
N PHE A 84 -19.28 -33.62 -11.67
CA PHE A 84 -19.91 -33.82 -10.37
C PHE A 84 -21.43 -33.68 -10.44
N SER A 85 -21.93 -32.94 -11.43
CA SER A 85 -23.38 -32.82 -11.57
C SER A 85 -24.01 -34.11 -12.10
N LYS A 86 -23.25 -34.92 -12.84
CA LYS A 86 -23.74 -36.15 -13.41
C LYS A 86 -23.20 -37.40 -12.74
N LEU A 87 -22.21 -37.27 -11.85
CA LEU A 87 -21.68 -38.42 -11.16
C LEU A 87 -22.64 -38.90 -10.09
N ASN A 88 -22.50 -40.16 -9.70
CA ASN A 88 -23.26 -40.75 -8.61
C ASN A 88 -22.31 -41.56 -7.75
N PRO A 89 -21.41 -40.92 -7.01
CA PRO A 89 -20.33 -41.63 -6.36
C PRO A 89 -20.81 -42.49 -5.20
N GLN A 90 -19.89 -43.31 -4.71
CA GLN A 90 -20.12 -44.14 -3.54
C GLN A 90 -19.00 -43.95 -2.54
N THR A 91 -19.38 -43.77 -1.28
CA THR A 91 -18.36 -43.72 -0.25
C THR A 91 -17.65 -45.07 -0.16
N PRO A 92 -16.35 -45.06 0.08
CA PRO A 92 -15.59 -46.31 0.07
C PRO A 92 -15.63 -47.00 1.42
N THR A 93 -15.40 -48.32 1.39
CA THR A 93 -15.37 -49.10 2.61
C THR A 93 -13.93 -49.22 3.13
N ARG A 94 -13.83 -49.47 4.43
CA ARG A 94 -12.55 -49.60 5.11
C ARG A 94 -12.50 -50.93 5.84
N ASP A 95 -11.31 -51.28 6.32
CA ASP A 95 -11.09 -52.45 7.15
C ASP A 95 -11.19 -52.07 8.62
N GLN A 96 -10.76 -52.97 9.50
CA GLN A 96 -10.85 -52.71 10.93
C GLN A 96 -9.87 -51.63 11.36
N THR A 97 -8.74 -51.51 10.66
CA THR A 97 -7.76 -50.47 10.95
C THR A 97 -8.10 -49.15 10.30
N GLY A 98 -9.29 -49.01 9.72
CA GLY A 98 -9.70 -47.78 9.09
C GLY A 98 -8.98 -47.41 7.82
N GLN A 99 -8.15 -48.30 7.28
CA GLN A 99 -7.51 -48.04 6.01
C GLN A 99 -8.50 -48.28 4.87
N ILE A 100 -8.41 -47.45 3.83
CA ILE A 100 -9.28 -47.60 2.69
C ILE A 100 -8.99 -48.94 2.01
N THR A 101 -10.02 -49.78 1.91
CA THR A 101 -9.90 -51.05 1.20
C THR A 101 -9.49 -50.78 -0.25
N PHE A 102 -8.32 -51.25 -0.64
CA PHE A 102 -7.80 -50.99 -1.97
C PHE A 102 -6.96 -52.16 -2.44
N ASN A 103 -7.00 -52.42 -3.74
CA ASN A 103 -6.13 -53.39 -4.37
C ASN A 103 -5.83 -52.84 -5.76
N PRO A 104 -4.60 -53.00 -6.26
CA PRO A 104 -4.26 -52.42 -7.56
C PRO A 104 -5.03 -53.02 -8.74
N PHE A 105 -5.93 -53.97 -8.52
CA PHE A 105 -6.69 -54.58 -9.61
C PHE A 105 -8.18 -54.37 -9.45
N GLY A 106 -8.71 -54.48 -8.22
CA GLY A 106 -10.13 -54.32 -8.02
C GLY A 106 -10.56 -52.89 -7.82
N GLY A 107 -9.67 -52.05 -7.30
CA GLY A 107 -10.04 -50.69 -6.99
C GLY A 107 -10.40 -50.48 -5.54
N PHE A 108 -11.48 -49.74 -5.30
CA PHE A 108 -11.92 -49.46 -3.93
C PHE A 108 -13.21 -50.21 -3.63
N GLY A 109 -13.44 -50.49 -2.36
CA GLY A 109 -14.67 -51.13 -1.95
C GLY A 109 -15.78 -50.11 -1.78
N LEU A 110 -16.83 -50.22 -2.58
CA LEU A 110 -17.89 -49.23 -2.63
C LEU A 110 -19.08 -49.69 -1.81
N SER A 111 -19.47 -48.89 -0.82
CA SER A 111 -20.47 -49.29 0.16
C SER A 111 -21.90 -49.20 -0.35
N GLY A 112 -22.13 -48.60 -1.52
CA GLY A 112 -23.46 -48.54 -2.08
C GLY A 112 -24.29 -47.35 -1.65
N ALA A 113 -23.67 -46.31 -1.11
CA ALA A 113 -24.40 -45.10 -0.72
C ALA A 113 -23.60 -43.87 -1.13
N ALA A 114 -24.30 -42.75 -1.27
CA ALA A 114 -23.65 -41.50 -1.62
C ALA A 114 -23.15 -40.78 -0.37
N PRO A 115 -22.27 -39.80 -0.52
CA PRO A 115 -21.87 -39.00 0.64
C PRO A 115 -23.04 -38.23 1.23
N GLN A 116 -22.85 -37.74 2.45
CA GLN A 116 -23.88 -36.93 3.08
C GLN A 116 -23.93 -35.56 2.42
N GLN A 117 -25.15 -35.01 2.33
CA GLN A 117 -25.43 -33.73 1.67
C GLN A 117 -24.68 -33.58 0.35
N TRP A 118 -24.56 -34.69 -0.37
CA TRP A 118 -23.91 -34.66 -1.68
C TRP A 118 -24.84 -34.13 -2.75
N ASN A 119 -26.14 -34.43 -2.63
CA ASN A 119 -27.08 -34.00 -3.65
C ASN A 119 -27.39 -32.51 -3.57
N GLU A 120 -26.68 -31.77 -2.73
CA GLU A 120 -26.80 -30.32 -2.69
C GLU A 120 -25.50 -29.60 -2.98
N VAL A 121 -24.37 -30.29 -2.87
CA VAL A 121 -23.07 -29.72 -3.22
C VAL A 121 -22.65 -30.05 -4.65
N LYS A 122 -23.39 -30.91 -5.34
CA LYS A 122 -22.93 -31.45 -6.62
C LYS A 122 -22.86 -30.40 -7.72
N ASN A 123 -23.59 -29.29 -7.60
CA ASN A 123 -23.60 -28.27 -8.63
C ASN A 123 -22.40 -27.32 -8.54
N LYS A 124 -21.62 -27.39 -7.49
CA LYS A 124 -20.48 -26.50 -7.35
C LYS A 124 -19.30 -27.02 -8.15
N VAL A 125 -18.47 -26.09 -8.61
CA VAL A 125 -17.49 -26.41 -9.65
C VAL A 125 -16.09 -26.56 -9.07
N PRO A 126 -15.28 -27.49 -9.58
CA PRO A 126 -13.95 -27.73 -9.01
C PRO A 126 -12.91 -26.78 -9.60
N VAL A 127 -12.05 -26.24 -8.74
CA VAL A 127 -11.11 -25.21 -9.16
C VAL A 127 -9.69 -25.52 -8.68
N GLU A 128 -9.52 -26.53 -7.85
CA GLU A 128 -8.20 -26.78 -7.29
C GLU A 128 -8.12 -28.22 -6.81
N VAL A 129 -6.99 -28.88 -7.14
CA VAL A 129 -6.73 -30.25 -6.75
C VAL A 129 -5.33 -30.34 -6.15
N ALA A 130 -5.20 -31.04 -5.02
CA ALA A 130 -3.92 -31.24 -4.35
C ALA A 130 -3.80 -32.69 -3.91
N GLN A 131 -2.65 -33.29 -4.16
CA GLN A 131 -2.43 -34.70 -3.85
C GLN A 131 -1.87 -34.86 -2.44
N ASP A 132 -2.26 -35.95 -1.80
CA ASP A 132 -1.83 -36.25 -0.44
C ASP A 132 -0.40 -36.80 -0.45
N PRO A 133 0.52 -36.23 0.34
CA PRO A 133 1.89 -36.79 0.37
C PRO A 133 1.97 -38.15 1.05
N SER A 134 0.96 -38.55 1.81
CA SER A 134 0.96 -39.83 2.49
C SER A 134 0.11 -40.88 1.80
N ASN A 135 -0.57 -40.53 0.72
CA ASN A 135 -1.43 -41.45 0.01
C ASN A 135 -1.59 -40.98 -1.44
N PRO A 136 -0.79 -41.49 -2.36
CA PRO A 136 -0.89 -41.03 -3.75
C PRO A 136 -2.24 -41.29 -4.40
N TYR A 137 -3.16 -41.92 -3.69
CA TYR A 137 -4.50 -42.19 -4.21
C TYR A 137 -5.57 -41.30 -3.56
N ARG A 138 -5.18 -40.35 -2.73
CA ARG A 138 -6.11 -39.47 -2.04
C ARG A 138 -5.87 -38.04 -2.48
N PHE A 139 -6.93 -37.37 -2.93
CA PHE A 139 -6.85 -36.01 -3.44
C PHE A 139 -7.87 -35.14 -2.73
N ALA A 140 -7.60 -33.85 -2.67
CA ALA A 140 -8.51 -32.87 -2.10
C ALA A 140 -8.90 -31.86 -3.16
N VAL A 141 -10.18 -31.81 -3.49
CA VAL A 141 -10.71 -30.95 -4.54
C VAL A 141 -11.51 -29.84 -3.88
N LEU A 142 -11.41 -28.64 -4.42
CA LEU A 142 -12.06 -27.46 -3.86
C LEU A 142 -13.19 -27.02 -4.79
N LEU A 143 -14.37 -26.80 -4.23
CA LEU A 143 -15.57 -26.48 -4.99
C LEU A 143 -16.09 -25.10 -4.64
N VAL A 144 -16.46 -24.34 -5.67
CA VAL A 144 -17.00 -22.98 -5.48
C VAL A 144 -18.32 -22.87 -6.25
N PRO A 145 -19.20 -21.94 -5.88
CA PRO A 145 -20.43 -21.76 -6.64
C PRO A 145 -20.16 -21.26 -8.05
N ARG A 146 -21.13 -21.50 -8.94
CA ARG A 146 -20.97 -21.12 -10.33
C ARG A 146 -20.99 -19.62 -10.53
N SER A 147 -21.77 -18.90 -9.72
CA SER A 147 -21.84 -17.44 -9.83
C SER A 147 -20.52 -16.78 -9.46
N VAL A 148 -19.62 -17.51 -8.79
CA VAL A 148 -18.33 -16.96 -8.42
C VAL A 148 -17.38 -16.98 -9.61
N VAL A 149 -17.56 -17.92 -10.52
CA VAL A 149 -16.68 -18.01 -11.67
C VAL A 149 -17.00 -16.92 -12.68
N TYR A 150 -18.24 -16.43 -12.69
CA TYR A 150 -18.67 -15.41 -13.63
C TYR A 150 -19.05 -14.10 -12.96
N TYR A 151 -18.48 -13.80 -11.80
CA TYR A 151 -18.79 -12.55 -11.11
C TYR A 151 -18.24 -11.35 -11.86
N GLU A 152 -17.13 -11.55 -12.59
CA GLU A 152 -16.55 -10.47 -13.38
C GLU A 152 -17.52 -9.92 -14.42
N GLN A 153 -18.59 -10.66 -14.74
CA GLN A 153 -19.56 -10.19 -15.72
C GLN A 153 -20.64 -9.32 -15.11
N LEU A 154 -20.75 -9.27 -13.79
CA LEU A 154 -21.76 -8.43 -13.15
C LEU A 154 -21.36 -6.96 -13.15
N GLN A 155 -20.07 -6.66 -12.97
CA GLN A 155 -19.53 -5.30 -13.06
C GLN A 155 -20.26 -4.35 -12.13
N ARG A 156 -20.12 -4.61 -10.83
CA ARG A 156 -20.73 -3.79 -9.78
C ARG A 156 -19.63 -2.90 -9.21
N GLY A 157 -19.66 -1.64 -9.63
CA GLY A 157 -18.57 -0.73 -9.30
C GLY A 157 -18.79 0.07 -8.03
N LEU A 158 -17.70 0.64 -7.54
CA LEU A 158 -17.72 1.50 -6.36
C LEU A 158 -18.05 2.93 -6.77
N GLY A 159 -18.85 3.61 -5.97
CA GLY A 159 -19.31 4.94 -6.28
C GLY A 159 -18.54 6.03 -5.54
N LEU A 160 -18.71 7.24 -6.02
CA LEU A 160 -18.21 8.47 -5.42
C LEU A 160 -19.31 9.18 -4.66
N PRO A 161 -18.97 9.94 -3.63
CA PRO A 161 -19.99 10.73 -2.95
C PRO A 161 -20.49 11.85 -3.85
N GLN A 162 -21.79 12.08 -3.81
CA GLN A 162 -22.39 13.12 -4.65
C GLN A 162 -21.88 14.48 -4.20
N GLN A 163 -21.64 15.36 -5.17
CA GLN A 163 -21.06 16.67 -4.89
C GLN A 163 -21.96 17.77 -5.41
N ARG A 164 -21.80 18.97 -4.85
CA ARG A 164 -22.46 20.18 -5.31
C ARG A 164 -21.53 21.06 -6.12
N THR A 165 -20.25 20.70 -6.21
CA THR A 165 -19.31 21.40 -7.07
C THR A 165 -18.73 20.45 -8.11
N GLU A 166 -18.16 20.98 -9.18
CA GLU A 166 -17.42 20.16 -10.13
C GLU A 166 -16.01 20.70 -10.29
N SER A 167 -15.88 22.03 -10.31
CA SER A 167 -14.60 22.72 -10.38
C SER A 167 -13.74 22.21 -11.54
N GLY A 168 -14.23 22.37 -12.77
CA GLY A 168 -13.50 21.94 -13.94
C GLY A 168 -14.37 21.46 -15.07
N SER A 172 -20.72 24.22 -6.12
CA SER A 172 -20.47 25.32 -5.19
C SER A 172 -19.12 25.94 -5.44
N THR A 173 -18.17 25.70 -4.53
CA THR A 173 -16.86 26.36 -4.58
C THR A 173 -15.78 25.47 -4.01
N THR A 174 -14.63 26.07 -3.67
CA THR A 174 -13.48 25.47 -2.99
C THR A 174 -12.62 24.63 -3.93
N GLY A 175 -13.07 24.41 -5.15
CA GLY A 175 -12.23 23.75 -6.13
C GLY A 175 -12.06 22.27 -5.97
N ALA A 176 -12.70 21.66 -4.98
CA ALA A 176 -12.56 20.22 -4.77
C ALA A 176 -13.29 19.44 -5.84
N MET A 177 -12.73 18.29 -6.21
CA MET A 177 -13.27 17.45 -7.27
C MET A 177 -13.69 16.09 -6.70
N PHE A 178 -14.46 15.37 -7.51
CA PHE A 178 -14.83 13.98 -7.24
C PHE A 178 -15.58 13.80 -5.92
N GLY A 179 -16.26 14.85 -5.47
CA GLY A 179 -17.10 14.73 -4.29
C GLY A 179 -16.43 15.05 -2.97
N LEU A 180 -15.22 15.59 -3.00
CA LEU A 180 -14.47 15.84 -1.78
C LEU A 180 -15.11 16.95 -0.97
N LYS A 181 -15.25 16.72 0.34
CA LYS A 181 -15.72 17.74 1.27
C LYS A 181 -14.52 18.31 2.01
N VAL A 182 -14.23 19.59 1.78
CA VAL A 182 -13.10 20.25 2.42
C VAL A 182 -13.52 21.66 2.81
N LYS A 183 -13.31 21.98 4.09
CA LYS A 183 -13.74 23.26 4.63
C LYS A 183 -13.00 23.49 5.95
N ASN A 184 -12.26 24.58 6.05
CA ASN A 184 -11.49 24.87 7.25
C ASN A 184 -12.40 24.93 8.47
N ALA A 185 -11.85 24.53 9.62
CA ALA A 185 -12.62 24.57 10.86
C ALA A 185 -12.45 25.92 11.54
N GLU A 186 -13.49 26.33 12.26
CA GLU A 186 -13.47 27.58 13.01
C GLU A 186 -13.68 27.29 14.49
N ALA A 187 -13.36 28.29 15.31
CA ALA A 187 -13.53 28.15 16.75
C ALA A 187 -14.98 28.44 17.14
N ASP A 188 -15.46 27.75 18.17
CA ASP A 188 -16.80 27.98 18.72
C ASP A 188 -16.64 28.91 19.92
N THR A 189 -17.24 30.10 19.83
CA THR A 189 -17.16 31.05 20.93
C THR A 189 -17.88 30.53 22.17
N ALA A 190 -18.81 29.59 21.99
CA ALA A 190 -19.52 29.02 23.13
C ALA A 190 -18.64 28.13 24.00
N LYS A 191 -17.70 27.40 23.41
CA LYS A 191 -16.82 26.51 24.16
C LYS A 191 -15.42 27.09 24.26
N SER A 192 -15.31 28.41 24.34
CA SER A 192 -14.00 29.06 24.40
C SER A 192 -13.32 28.79 25.73
N ASN A 193 -14.05 28.30 26.73
CA ASN A 193 -13.45 28.03 28.03
C ASN A 193 -12.75 26.68 28.06
N GLU A 194 -13.04 25.82 27.09
CA GLU A 194 -12.51 24.46 27.12
C GLU A 194 -11.09 24.37 26.58
N LYS A 195 -10.38 25.46 26.39
CA LYS A 195 -8.98 25.39 25.99
C LYS A 195 -8.12 25.01 27.18
N LEU A 196 -7.18 24.10 26.96
CA LEU A 196 -6.25 23.72 28.01
C LEU A 196 -5.41 24.91 28.43
N GLN A 197 -5.28 25.10 29.74
CA GLN A 197 -4.40 26.14 30.26
C GLN A 197 -3.08 25.52 30.69
N GLY A 198 -1.99 26.19 30.35
CA GLY A 198 -0.70 25.70 30.78
C GLY A 198 -0.55 26.04 32.24
N ALA A 199 -0.68 25.03 33.08
CA ALA A 199 -0.80 25.25 34.53
C ALA A 199 0.57 25.13 35.19
N GLU A 200 1.21 23.99 35.04
CA GLU A 200 2.31 23.61 35.91
C GLU A 200 3.54 24.49 35.75
N ALA A 201 4.41 24.45 36.75
CA ALA A 201 5.65 25.21 36.72
C ALA A 201 6.69 24.44 37.55
N THR A 202 7.77 25.11 37.93
CA THR A 202 8.81 24.52 38.77
C THR A 202 9.45 23.30 38.12
N SER A 213 9.74 35.76 28.47
CA SER A 213 9.44 34.42 27.95
C SER A 213 8.08 34.40 27.32
N THR A 214 7.91 35.19 26.27
CA THR A 214 6.70 35.10 25.47
C THR A 214 6.63 33.81 24.65
N GLN A 215 7.74 33.08 24.58
CA GLN A 215 7.89 31.94 23.68
C GLN A 215 7.62 30.61 24.37
N ARG A 216 6.89 30.61 25.47
CA ARG A 216 6.59 29.40 26.24
C ARG A 216 5.18 29.57 26.78
N GLY A 217 4.83 28.81 27.81
CA GLY A 217 3.50 28.88 28.39
C GLY A 217 3.00 30.28 28.70
N GLY A 218 3.90 31.24 28.81
CA GLY A 218 3.54 32.61 29.10
C GLY A 218 2.64 33.24 28.06
N GLY A 221 0.06 34.22 35.06
CA GLY A 221 0.58 33.72 33.79
C GLY A 221 1.27 34.78 32.96
N ASP A 222 2.55 35.01 33.23
CA ASP A 222 3.34 36.01 32.51
C ASP A 222 4.80 35.57 32.48
N THR A 223 5.35 35.46 31.27
CA THR A 223 6.76 35.13 31.03
C THR A 223 7.22 33.95 31.87
N LYS A 224 6.38 32.95 32.05
CA LYS A 224 6.76 31.76 32.80
C LYS A 224 6.79 30.57 31.86
N VAL A 225 7.66 29.61 32.17
CA VAL A 225 7.72 28.34 31.47
C VAL A 225 6.62 27.45 32.00
N LYS A 226 5.66 27.10 31.14
CA LYS A 226 4.49 26.36 31.56
C LYS A 226 4.23 25.22 30.59
N ALA A 227 3.87 24.07 31.13
CA ALA A 227 3.49 22.92 30.34
C ALA A 227 1.96 22.78 30.30
N LEU A 228 1.47 22.28 29.19
CA LEU A 228 0.03 22.11 28.99
C LEU A 228 -0.43 20.88 29.77
N LYS A 229 -1.41 21.07 30.65
CA LYS A 229 -1.82 20.05 31.60
C LYS A 229 -3.12 19.40 31.16
N ILE A 230 -3.10 18.08 31.03
CA ILE A 230 -4.26 17.28 30.70
C ILE A 230 -4.61 16.45 31.93
N GLU A 231 -5.85 16.52 32.37
CA GLU A 231 -6.28 15.82 33.57
C GLU A 231 -7.62 15.14 33.34
N VAL A 232 -7.68 13.86 33.67
CA VAL A 232 -8.88 13.04 33.51
C VAL A 232 -9.12 12.36 34.85
N LYS A 233 -10.17 12.76 35.55
CA LYS A 233 -10.44 12.26 36.88
C LYS A 233 -11.90 11.85 37.00
N LYS A 234 -12.19 11.00 37.98
CA LYS A 234 -13.51 10.42 38.12
C LYS A 234 -14.13 10.77 39.47
N LYS A 235 -15.44 10.63 39.54
CA LYS A 235 -16.17 10.71 40.81
C LYS A 235 -16.20 9.36 41.48
N SER A 236 -16.02 9.36 42.79
CA SER A 236 -16.33 8.16 43.59
C SER A 236 -17.81 8.11 43.96
N ASP A 237 -18.63 8.98 43.37
CA ASP A 237 -20.06 8.98 43.56
C ASP A 237 -20.75 8.24 42.42
N SER A 238 -22.07 8.30 42.36
CA SER A 238 -22.83 7.65 41.30
C SER A 238 -23.63 8.67 40.49
N GLY A 242 -20.67 1.28 33.22
CA GLY A 242 -20.21 2.63 32.97
C GLY A 242 -20.39 3.52 34.18
N GLN A 243 -19.43 3.47 35.09
CA GLN A 243 -19.53 4.16 36.38
C GLN A 243 -18.33 5.09 36.52
N LEU A 244 -18.17 5.63 37.73
CA LEU A 244 -17.15 6.60 38.13
C LEU A 244 -17.48 8.00 37.61
N GLN A 245 -18.47 8.10 36.73
CA GLN A 245 -19.11 9.36 36.34
C GLN A 245 -18.18 10.38 35.71
N LEU A 246 -16.88 10.10 35.62
CA LEU A 246 -15.92 10.93 34.91
C LEU A 246 -16.05 12.42 35.21
N GLU A 247 -15.79 12.82 36.46
CA GLU A 247 -15.99 14.20 36.91
C GLU A 247 -15.34 15.24 36.02
N LYS A 248 -14.23 14.93 35.36
CA LYS A 248 -13.56 15.89 34.50
C LYS A 248 -12.77 15.14 33.44
N ASN A 249 -12.89 15.57 32.20
CA ASN A 249 -12.21 14.92 31.08
C ASN A 249 -11.65 16.01 30.18
N ASP A 250 -10.38 16.38 30.42
CA ASP A 250 -9.71 17.35 29.57
C ASP A 250 -9.59 16.85 28.14
N LEU A 251 -9.73 15.55 27.90
CA LEU A 251 -9.63 14.98 26.57
C LEU A 251 -10.95 15.02 25.80
N ALA A 252 -12.00 15.56 26.39
CA ALA A 252 -13.25 15.75 25.67
C ALA A 252 -13.44 17.19 25.21
N ASN A 253 -12.48 18.07 25.51
CA ASN A 253 -12.59 19.48 25.15
C ASN A 253 -12.55 19.67 23.64
N ALA A 254 -13.35 20.60 23.15
CA ALA A 254 -13.44 20.88 21.72
C ALA A 254 -13.73 22.35 21.48
N PRO A 255 -12.74 23.23 21.71
CA PRO A 255 -12.93 24.64 21.37
C PRO A 255 -12.96 24.92 19.87
N ILE A 256 -12.53 23.97 19.04
CA ILE A 256 -12.56 24.10 17.59
C ILE A 256 -13.56 23.09 17.05
N LYS A 257 -14.51 23.55 16.25
CA LYS A 257 -15.58 22.71 15.75
C LYS A 257 -15.65 22.79 14.23
N ARG A 258 -16.25 21.77 13.64
CA ARG A 258 -16.50 21.77 12.20
C ARG A 258 -17.36 22.97 11.81
N SER A 259 -17.16 23.45 10.60
CA SER A 259 -17.81 24.65 10.11
C SER A 259 -19.25 24.36 9.70
N GLU A 260 -20.02 25.43 9.53
CA GLU A 260 -21.34 25.34 8.93
C GLU A 260 -21.28 25.85 7.51
N GLU A 261 -22.03 25.19 6.63
CA GLU A 261 -21.98 25.49 5.19
C GLU A 261 -23.39 25.40 4.64
N SER A 262 -23.91 26.54 4.18
CA SER A 262 -25.29 26.67 3.72
C SER A 262 -26.26 26.23 4.81
N GLY A 263 -26.00 26.71 6.02
CA GLY A 263 -26.84 26.42 7.18
C GLY A 263 -26.42 25.23 8.01
N GLN A 264 -26.40 24.05 7.42
CA GLN A 264 -26.06 22.84 8.15
C GLN A 264 -24.57 22.58 8.10
N SER A 265 -24.04 21.95 9.14
CA SER A 265 -22.62 21.69 9.24
C SER A 265 -22.15 20.74 8.15
N VAL A 266 -20.86 20.82 7.82
CA VAL A 266 -20.26 19.84 6.92
C VAL A 266 -19.98 18.57 7.71
N GLN A 267 -20.26 17.42 7.11
CA GLN A 267 -20.11 16.16 7.81
C GLN A 267 -20.02 15.03 6.80
N LEU A 268 -19.23 14.02 7.16
CA LEU A 268 -19.11 12.83 6.34
C LEU A 268 -20.26 11.87 6.67
N LYS A 269 -21.22 11.77 5.75
CA LYS A 269 -22.39 10.95 5.95
C LYS A 269 -22.37 9.77 5.00
N ALA A 270 -23.03 8.67 5.41
CA ALA A 270 -23.10 7.50 4.55
C ALA A 270 -24.07 7.68 3.40
N ASP A 271 -24.96 8.67 3.49
CA ASP A 271 -25.87 8.96 2.38
C ASP A 271 -25.22 9.84 1.33
N ASP A 272 -23.92 10.13 1.47
CA ASP A 272 -23.20 10.84 0.42
C ASP A 272 -23.14 10.03 -0.87
N PHE A 273 -23.28 8.70 -0.78
CA PHE A 273 -23.16 7.83 -1.92
C PHE A 273 -24.50 7.50 -2.57
N GLY A 274 -25.60 8.00 -2.01
CA GLY A 274 -26.93 7.64 -2.45
C GLY A 274 -27.65 6.80 -1.41
N THR A 275 -28.93 6.56 -1.67
CA THR A 275 -29.76 5.81 -0.76
C THR A 275 -30.02 4.42 -1.33
N ALA A 276 -30.01 3.42 -0.46
CA ALA A 276 -30.10 2.02 -0.86
C ALA A 276 -31.44 1.75 -1.53
N LEU A 277 -31.40 1.21 -2.74
CA LEU A 277 -32.60 0.97 -3.51
C LEU A 277 -32.40 -0.18 -4.49
N SER A 290 -30.52 8.47 -8.46
CA SER A 290 -29.77 7.95 -9.60
C SER A 290 -28.45 7.27 -9.19
N PRO A 291 -27.67 7.85 -8.28
CA PRO A 291 -26.50 7.13 -7.76
C PRO A 291 -26.91 6.12 -6.68
N THR A 292 -26.24 4.98 -6.67
CA THR A 292 -26.49 3.94 -5.69
C THR A 292 -25.18 3.51 -5.04
N PRO A 293 -25.17 3.27 -3.73
CA PRO A 293 -23.92 2.88 -3.07
C PRO A 293 -23.58 1.42 -3.33
N TRP A 294 -22.28 1.13 -3.25
CA TRP A 294 -21.81 -0.24 -3.45
C TRP A 294 -22.09 -1.07 -2.21
N ARG A 295 -22.62 -2.27 -2.43
CA ARG A 295 -22.86 -3.22 -1.36
C ARG A 295 -22.40 -4.61 -1.79
N PRO A 296 -22.03 -5.46 -0.83
CA PRO A 296 -21.69 -6.84 -1.18
C PRO A 296 -22.89 -7.57 -1.75
N TRP A 297 -22.62 -8.48 -2.69
CA TRP A 297 -23.69 -9.25 -3.31
C TRP A 297 -24.44 -10.08 -2.28
N LEU A 298 -23.71 -10.75 -1.39
CA LEU A 298 -24.31 -11.51 -0.30
C LEU A 298 -23.55 -11.24 0.99
N ALA A 299 -24.31 -11.07 2.07
CA ALA A 299 -23.71 -10.86 3.37
C ALA A 299 -22.99 -12.12 3.85
N THR A 300 -22.34 -12.01 5.00
CA THR A 300 -21.83 -13.20 5.69
C THR A 300 -22.98 -14.07 6.15
N GLU A 301 -24.08 -13.44 6.55
CA GLU A 301 -25.21 -14.18 7.09
C GLU A 301 -25.87 -15.05 6.04
N GLN A 302 -26.10 -14.52 4.85
CA GLN A 302 -26.78 -15.30 3.81
C GLN A 302 -25.94 -16.50 3.40
N ILE A 303 -24.62 -16.33 3.32
CA ILE A 303 -23.74 -17.46 2.98
C ILE A 303 -23.77 -18.49 4.10
N HIS A 304 -23.76 -18.03 5.36
CA HIS A 304 -23.79 -18.99 6.46
C HIS A 304 -25.12 -19.73 6.50
N LYS A 305 -26.20 -19.08 6.04
CA LYS A 305 -27.51 -19.72 6.09
C LYS A 305 -27.76 -20.63 4.90
N ASP A 306 -27.06 -20.44 3.79
CA ASP A 306 -27.23 -21.32 2.64
C ASP A 306 -25.87 -21.91 2.23
N LEU A 307 -25.08 -22.28 3.24
CA LEU A 307 -23.85 -23.04 3.02
C LEU A 307 -23.90 -24.07 1.89
N PRO A 308 -24.91 -24.93 1.76
CA PRO A 308 -24.88 -25.90 0.65
C PRO A 308 -24.89 -25.24 -0.72
N LYS A 309 -25.49 -24.06 -0.85
CA LYS A 309 -25.56 -23.39 -2.14
C LYS A 309 -24.42 -22.38 -2.30
N TRP A 310 -24.18 -21.56 -1.27
CA TRP A 310 -23.37 -20.36 -1.41
C TRP A 310 -21.95 -20.49 -0.87
N SER A 311 -21.62 -21.56 -0.16
CA SER A 311 -20.30 -21.67 0.43
C SER A 311 -19.32 -22.33 -0.53
N ALA A 312 -18.09 -22.51 -0.07
CA ALA A 312 -17.08 -23.26 -0.80
C ALA A 312 -16.75 -24.53 -0.03
N SER A 313 -16.61 -25.63 -0.76
CA SER A 313 -16.50 -26.94 -0.14
C SER A 313 -15.24 -27.66 -0.58
N ILE A 314 -14.68 -28.43 0.35
CA ILE A 314 -13.60 -29.37 0.07
C ILE A 314 -14.22 -30.76 0.05
N LEU A 315 -13.88 -31.55 -0.96
CA LEU A 315 -14.24 -32.96 -0.97
C LEU A 315 -13.01 -33.81 -1.21
N ILE A 316 -12.96 -34.95 -0.54
CA ILE A 316 -11.86 -35.90 -0.66
C ILE A 316 -12.19 -36.87 -1.78
N LEU A 317 -11.20 -37.18 -2.61
CA LEU A 317 -11.39 -38.00 -3.79
C LEU A 317 -10.34 -39.10 -3.83
N TYR A 318 -10.78 -40.32 -4.12
CA TYR A 318 -9.90 -41.46 -4.30
C TYR A 318 -9.89 -41.85 -5.78
N ASP A 319 -8.69 -41.95 -6.34
CA ASP A 319 -8.54 -42.13 -7.78
C ASP A 319 -7.46 -43.15 -8.07
N ALA A 320 -7.80 -44.15 -8.87
CA ALA A 320 -6.83 -45.10 -9.41
C ALA A 320 -7.20 -45.35 -10.86
N PRO A 321 -6.47 -44.75 -11.79
CA PRO A 321 -6.91 -44.77 -13.20
C PRO A 321 -6.90 -46.14 -13.84
N TYR A 322 -6.20 -47.13 -13.27
CA TYR A 322 -6.14 -48.46 -13.86
C TYR A 322 -6.81 -49.53 -13.01
N ALA A 323 -7.95 -49.22 -12.40
CA ALA A 323 -8.66 -50.17 -11.56
C ALA A 323 -10.06 -50.44 -12.08
N ARG A 324 -10.75 -51.36 -11.41
CA ARG A 324 -12.12 -51.69 -11.78
C ARG A 324 -13.09 -50.65 -11.23
N ASN A 325 -13.09 -50.47 -9.90
CA ASN A 325 -13.79 -49.35 -9.27
C ASN A 325 -12.76 -48.27 -9.02
N ARG A 326 -12.79 -47.24 -9.85
N ARG A 326 -12.78 -47.23 -9.85
CA ARG A 326 -11.74 -46.23 -9.84
CA ARG A 326 -11.72 -46.24 -9.80
C ARG A 326 -12.12 -44.95 -9.10
C ARG A 326 -12.12 -44.94 -9.11
N THR A 327 -13.41 -44.64 -9.00
CA THR A 327 -13.87 -43.40 -8.41
C THR A 327 -14.59 -43.65 -7.10
N ALA A 328 -14.16 -42.94 -6.05
CA ALA A 328 -14.80 -43.02 -4.75
C ALA A 328 -14.63 -41.69 -4.04
N ILE A 329 -15.75 -41.09 -3.65
CA ILE A 329 -15.78 -39.78 -3.00
C ILE A 329 -16.02 -39.99 -1.52
N ASP A 330 -15.09 -39.51 -0.70
CA ASP A 330 -15.13 -39.84 0.72
C ASP A 330 -16.11 -38.94 1.48
N ARG A 331 -15.86 -37.63 1.50
CA ARG A 331 -16.67 -36.73 2.29
C ARG A 331 -16.64 -35.35 1.66
N VAL A 332 -17.44 -34.44 2.22
CA VAL A 332 -17.53 -33.06 1.78
C VAL A 332 -17.54 -32.16 3.00
N ASP A 333 -16.66 -31.18 3.01
CA ASP A 333 -16.53 -30.26 4.14
C ASP A 333 -16.69 -28.83 3.65
N HIS A 334 -17.33 -27.99 4.45
CA HIS A 334 -17.60 -26.62 4.08
C HIS A 334 -16.59 -25.66 4.71
N LEU A 335 -16.24 -24.62 3.97
CA LEU A 335 -15.42 -23.54 4.51
C LEU A 335 -16.33 -22.36 4.86
N ASP A 336 -16.99 -22.50 6.00
CA ASP A 336 -17.91 -21.50 6.49
C ASP A 336 -17.17 -20.20 6.83
N PRO A 337 -17.59 -19.06 6.28
CA PRO A 337 -16.93 -17.80 6.66
C PRO A 337 -16.99 -17.49 8.15
N LYS A 338 -18.08 -17.86 8.82
CA LYS A 338 -18.16 -17.62 10.25
C LYS A 338 -17.09 -18.38 11.02
N ALA A 339 -16.59 -19.50 10.48
CA ALA A 339 -15.45 -20.17 11.11
C ALA A 339 -14.24 -19.25 11.18
N MET A 340 -14.13 -18.29 10.27
CA MET A 340 -13.06 -17.31 10.33
C MET A 340 -13.46 -16.11 11.18
N THR A 341 -14.68 -15.60 10.98
CA THR A 341 -15.08 -14.40 11.69
C THR A 341 -15.27 -14.65 13.19
N ALA A 342 -15.26 -15.92 13.60
CA ALA A 342 -15.38 -16.23 15.03
C ALA A 342 -14.03 -16.13 15.73
N ASN A 343 -12.94 -16.04 14.98
CA ASN A 343 -11.61 -15.91 15.55
C ASN A 343 -11.03 -14.52 15.35
N TYR A 344 -11.80 -13.60 14.75
CA TYR A 344 -11.43 -12.20 14.67
C TYR A 344 -11.18 -11.65 16.07
N PRO A 345 -10.24 -10.73 16.23
CA PRO A 345 -10.05 -10.07 17.53
C PRO A 345 -11.31 -9.38 17.98
N PRO A 346 -11.51 -9.23 19.28
CA PRO A 346 -12.71 -8.52 19.75
C PRO A 346 -12.71 -7.04 19.40
N SER A 347 -11.54 -6.46 19.13
CA SER A 347 -11.49 -5.05 18.78
C SER A 347 -11.93 -4.80 17.35
N TRP A 348 -12.12 -5.84 16.56
CA TRP A 348 -12.61 -5.69 15.19
C TRP A 348 -14.12 -5.55 15.14
N ARG A 349 -14.81 -5.68 16.27
CA ARG A 349 -16.24 -5.50 16.32
C ARG A 349 -16.65 -4.04 16.15
N THR A 350 -15.83 -3.12 16.63
CA THR A 350 -16.06 -1.69 16.47
C THR A 350 -14.83 -1.05 15.84
N PRO A 351 -14.67 -1.16 14.51
CA PRO A 351 -13.47 -0.65 13.86
C PRO A 351 -13.45 0.86 13.66
N LYS A 352 -14.40 1.59 14.22
CA LYS A 352 -14.40 3.05 14.16
C LYS A 352 -13.76 3.69 15.39
N TRP A 353 -13.19 2.88 16.27
CA TRP A 353 -12.55 3.31 17.50
C TRP A 353 -11.10 2.87 17.47
N ASN A 354 -10.32 3.34 18.43
CA ASN A 354 -8.95 2.86 18.60
C ASN A 354 -8.56 3.04 20.06
N HIS A 355 -7.31 2.69 20.38
CA HIS A 355 -6.88 2.78 21.76
C HIS A 355 -6.53 4.20 22.18
N HIS A 356 -6.91 5.19 21.40
CA HIS A 356 -6.75 6.59 21.77
C HIS A 356 -8.06 7.23 22.19
N GLY A 357 -9.18 6.52 22.07
CA GLY A 357 -10.40 6.98 22.70
C GLY A 357 -11.03 8.17 21.99
N LEU A 358 -11.52 9.10 22.80
CA LEU A 358 -12.41 10.14 22.28
C LEU A 358 -11.64 11.30 21.70
N TRP A 359 -10.47 11.61 22.26
CA TRP A 359 -9.72 12.75 21.77
C TRP A 359 -9.34 12.57 20.31
N ASP A 360 -8.93 11.35 19.93
CA ASP A 360 -8.56 11.12 18.55
C ASP A 360 -9.80 11.08 17.66
N TRP A 361 -10.92 10.59 18.18
CA TRP A 361 -12.15 10.63 17.42
C TRP A 361 -12.50 12.06 17.03
N LYS A 362 -12.51 12.97 18.01
CA LYS A 362 -12.88 14.34 17.70
C LYS A 362 -11.82 15.03 16.87
N ALA A 363 -10.55 14.73 17.12
CA ALA A 363 -9.48 15.34 16.34
C ALA A 363 -9.58 14.96 14.87
N ARG A 364 -9.85 13.68 14.59
CA ARG A 364 -9.97 13.25 13.20
C ARG A 364 -11.28 13.69 12.58
N ASP A 365 -12.34 13.81 13.39
CA ASP A 365 -13.64 14.20 12.85
C ASP A 365 -13.65 15.68 12.46
N VAL A 366 -13.03 16.53 13.27
CA VAL A 366 -12.99 17.96 12.95
C VAL A 366 -12.18 18.21 11.69
N LEU A 367 -11.11 17.45 11.48
CA LEU A 367 -10.22 17.63 10.35
C LEU A 367 -10.76 17.01 9.07
N LEU A 368 -12.01 16.54 9.09
CA LEU A 368 -12.62 15.88 7.94
C LEU A 368 -11.83 14.63 7.54
N GLN A 369 -11.65 13.73 8.50
CA GLN A 369 -10.99 12.46 8.27
C GLN A 369 -11.91 11.32 8.67
N THR A 370 -11.44 10.10 8.44
CA THR A 370 -12.11 8.92 8.95
C THR A 370 -11.55 8.56 10.32
N THR A 371 -12.37 7.91 11.12
CA THR A 371 -11.98 7.57 12.49
C THR A 371 -11.78 6.06 12.64
N GLY A 372 -10.97 5.70 13.62
CA GLY A 372 -10.72 4.30 13.92
C GLY A 372 -9.53 3.77 13.15
N PHE A 373 -9.37 2.45 13.21
CA PHE A 373 -8.26 1.79 12.53
C PHE A 373 -8.66 1.11 11.23
N PHE A 374 -9.92 0.74 11.06
CA PHE A 374 -10.39 0.07 9.87
C PHE A 374 -11.73 0.65 9.42
N ASN A 375 -11.81 1.96 9.31
CA ASN A 375 -13.07 2.62 9.00
C ASN A 375 -13.67 2.09 7.70
N PRO A 376 -14.99 1.88 7.64
CA PRO A 376 -15.60 1.33 6.42
C PRO A 376 -15.50 2.23 5.21
N ARG A 377 -15.28 3.53 5.40
CA ARG A 377 -15.22 4.42 4.25
C ARG A 377 -13.93 4.24 3.47
N ARG A 378 -12.90 3.68 4.10
CA ARG A 378 -11.65 3.34 3.45
C ARG A 378 -11.62 1.88 3.00
N HIS A 379 -12.39 1.03 3.67
CA HIS A 379 -12.30 -0.43 3.50
C HIS A 379 -13.69 -1.05 3.45
N PRO A 380 -14.45 -0.79 2.38
CA PRO A 380 -15.85 -1.25 2.36
C PRO A 380 -16.02 -2.71 1.95
N GLU A 381 -14.96 -3.41 1.56
CA GLU A 381 -15.12 -4.78 1.08
C GLU A 381 -15.36 -5.76 2.22
N TRP A 382 -15.17 -5.34 3.46
CA TRP A 382 -15.27 -6.24 4.59
C TRP A 382 -16.45 -5.92 5.50
N PHE A 383 -17.47 -5.24 5.00
CA PHE A 383 -18.63 -4.87 5.79
C PHE A 383 -19.89 -5.28 5.05
N ASP A 384 -20.84 -5.87 5.77
CA ASP A 384 -22.09 -6.31 5.16
C ASP A 384 -22.94 -5.13 4.73
N GLY A 385 -22.65 -3.93 5.24
CA GLY A 385 -23.36 -2.75 4.82
C GLY A 385 -22.77 -2.04 3.62
N GLY A 386 -21.54 -2.38 3.24
CA GLY A 386 -20.91 -1.75 2.10
C GLY A 386 -20.62 -0.29 2.39
N GLN A 387 -21.15 0.59 1.52
CA GLN A 387 -21.00 2.02 1.71
C GLN A 387 -22.21 2.65 2.39
N THR A 388 -23.21 1.87 2.79
CA THR A 388 -24.30 2.40 3.57
C THR A 388 -23.90 2.64 5.02
N VAL A 389 -22.68 2.29 5.40
CA VAL A 389 -22.13 2.52 6.73
C VAL A 389 -20.81 3.28 6.67
N ALA A 390 -20.51 3.94 5.56
CA ALA A 390 -19.19 4.51 5.31
C ALA A 390 -19.13 5.96 5.83
N ASP A 391 -19.22 6.09 7.15
CA ASP A 391 -19.12 7.38 7.80
C ASP A 391 -18.47 7.19 9.16
N ASN A 392 -18.59 8.20 10.02
CA ASN A 392 -17.90 8.23 11.29
C ASN A 392 -18.82 8.01 12.48
N GLU A 393 -20.13 7.95 12.27
CA GLU A 393 -21.08 7.83 13.36
C GLU A 393 -21.27 6.35 13.75
N LYS A 394 -22.04 6.15 14.81
CA LYS A 394 -22.39 4.82 15.32
C LYS A 394 -21.14 3.98 15.57
N THR A 395 -20.32 4.45 16.51
CA THR A 395 -19.03 3.81 16.78
C THR A 395 -19.10 2.74 17.85
N GLY A 396 -20.22 2.59 18.54
CA GLY A 396 -20.28 1.75 19.70
C GLY A 396 -19.89 2.42 20.99
N PHE A 397 -19.62 3.73 20.95
CA PHE A 397 -19.32 4.55 22.11
C PHE A 397 -20.10 5.85 21.95
N ASP A 398 -20.34 6.53 23.07
CA ASP A 398 -21.06 7.80 23.01
C ASP A 398 -20.10 8.91 22.62
N VAL A 399 -20.42 9.62 21.53
CA VAL A 399 -19.56 10.67 21.02
C VAL A 399 -20.27 12.00 20.85
N ASP A 400 -21.59 12.06 21.02
CA ASP A 400 -22.31 13.33 20.90
C ASP A 400 -23.33 13.50 22.01
N ASN A 401 -22.96 13.15 23.24
CA ASN A 401 -23.81 13.43 24.37
C ASN A 401 -23.74 14.90 24.73
N SER A 402 -24.78 15.40 25.41
CA SER A 402 -24.81 16.80 25.79
C SER A 402 -23.76 17.13 26.85
N GLU A 403 -23.50 16.23 27.79
CA GLU A 403 -22.54 16.46 28.86
C GLU A 403 -21.18 15.94 28.45
N ASN A 404 -20.18 16.83 28.49
CA ASN A 404 -18.81 16.43 28.14
C ASN A 404 -18.30 15.32 29.03
N THR A 405 -18.93 15.12 30.19
CA THR A 405 -18.52 14.08 31.12
C THR A 405 -19.19 12.74 30.84
N LYS A 406 -20.13 12.66 29.90
CA LYS A 406 -20.75 11.40 29.53
C LYS A 406 -20.38 10.93 28.13
N GLN A 407 -19.54 11.66 27.42
CA GLN A 407 -19.05 11.25 26.12
C GLN A 407 -17.85 10.32 26.28
N GLY A 408 -17.86 9.23 25.53
CA GLY A 408 -16.79 8.27 25.56
C GLY A 408 -17.08 6.98 26.28
N PHE A 409 -18.34 6.75 26.66
CA PHE A 409 -18.71 5.54 27.38
C PHE A 409 -19.28 4.51 26.43
N GLN A 410 -18.71 3.30 26.46
CA GLN A 410 -19.19 2.23 25.61
C GLN A 410 -20.66 1.93 25.89
N LYS A 411 -21.45 1.81 24.83
CA LYS A 411 -22.89 1.69 24.96
C LYS A 411 -23.34 0.25 24.78
N GLU A 412 -24.35 -0.12 25.57
CA GLU A 412 -24.93 -1.46 25.52
C GLU A 412 -26.26 -1.44 24.78
N ALA A 413 -26.80 -0.24 24.54
CA ALA A 413 -28.00 -0.11 23.73
C ALA A 413 -27.76 -0.65 22.33
N ASP A 414 -28.74 -1.35 21.76
CA ASP A 414 -28.53 -2.09 20.53
C ASP A 414 -28.98 -1.36 19.26
N SER A 415 -29.85 -0.37 19.35
CA SER A 415 -30.17 0.44 18.17
C SER A 415 -28.94 1.19 17.71
N ASP A 416 -28.04 1.50 18.63
CA ASP A 416 -26.81 2.22 18.33
C ASP A 416 -25.61 1.28 18.19
N LYS A 417 -25.82 0.07 17.69
CA LYS A 417 -24.71 -0.84 17.45
C LYS A 417 -23.97 -0.45 16.18
N SER A 418 -22.71 -0.84 16.12
CA SER A 418 -21.86 -0.47 15.00
C SER A 418 -21.88 -1.56 13.92
N ALA A 419 -21.07 -1.35 12.89
CA ALA A 419 -20.84 -2.37 11.88
C ALA A 419 -19.55 -3.10 12.20
N PRO A 420 -19.56 -4.42 12.36
CA PRO A 420 -18.31 -5.14 12.61
C PRO A 420 -17.65 -5.60 11.33
N ILE A 421 -16.33 -5.77 11.42
CA ILE A 421 -15.55 -6.29 10.29
C ILE A 421 -15.97 -7.73 10.05
N ALA A 422 -16.42 -8.02 8.83
CA ALA A 422 -16.96 -9.34 8.50
C ALA A 422 -16.26 -9.91 7.28
N LEU A 423 -16.79 -10.99 6.74
CA LEU A 423 -16.23 -11.63 5.55
C LEU A 423 -17.34 -11.85 4.53
N PRO A 424 -17.81 -10.78 3.90
CA PRO A 424 -18.87 -10.92 2.89
C PRO A 424 -18.37 -11.61 1.64
N PHE A 425 -19.27 -11.68 0.65
CA PHE A 425 -19.09 -12.49 -0.55
C PHE A 425 -17.73 -12.30 -1.22
N GLU A 426 -17.38 -11.05 -1.51
CA GLU A 426 -16.18 -10.79 -2.33
C GLU A 426 -14.90 -11.10 -1.56
N ALA A 427 -14.79 -10.59 -0.33
CA ALA A 427 -13.64 -10.92 0.49
C ALA A 427 -13.57 -12.42 0.77
N TYR A 428 -14.71 -13.05 1.02
CA TYR A 428 -14.74 -14.48 1.30
C TYR A 428 -14.15 -15.28 0.16
N PHE A 429 -14.57 -15.00 -1.07
CA PHE A 429 -14.04 -15.77 -2.18
C PHE A 429 -12.68 -15.25 -2.64
N ALA A 430 -12.26 -14.08 -2.16
CA ALA A 430 -10.87 -13.67 -2.37
C ALA A 430 -9.94 -14.46 -1.48
N ASN A 431 -10.45 -14.98 -0.36
CA ASN A 431 -9.64 -15.77 0.55
C ASN A 431 -9.55 -17.25 0.19
N ILE A 432 -10.11 -17.69 -0.94
CA ILE A 432 -10.25 -19.11 -1.24
C ILE A 432 -9.24 -19.51 -2.31
N GLY A 433 -8.32 -20.38 -1.94
CA GLY A 433 -7.37 -20.91 -2.91
C GLY A 433 -6.12 -21.41 -2.22
N ASN A 434 -5.22 -22.00 -3.02
CA ASN A 434 -3.89 -22.43 -2.60
C ASN A 434 -3.95 -23.49 -1.49
N LEU A 435 -4.48 -24.66 -1.86
CA LEU A 435 -4.49 -25.81 -0.97
C LEU A 435 -3.07 -26.31 -0.73
N THR A 436 -2.82 -26.82 0.47
CA THR A 436 -1.49 -27.32 0.85
C THR A 436 -1.66 -28.37 1.93
N TRP A 437 -0.99 -29.50 1.77
CA TRP A 437 -1.04 -30.59 2.73
C TRP A 437 0.13 -30.52 3.70
N PHE A 438 -0.11 -30.96 4.92
CA PHE A 438 0.97 -31.29 5.85
C PHE A 438 0.39 -32.22 6.91
N GLY A 439 0.74 -33.49 6.83
CA GLY A 439 0.17 -34.45 7.76
C GLY A 439 -1.33 -34.57 7.55
N GLN A 440 -2.08 -34.43 8.63
CA GLN A 440 -3.54 -34.46 8.59
C GLN A 440 -4.14 -33.08 8.36
N ALA A 441 -3.32 -32.07 8.13
CA ALA A 441 -3.78 -30.70 8.01
C ALA A 441 -3.78 -30.28 6.54
N LEU A 442 -4.91 -29.74 6.09
CA LEU A 442 -5.04 -29.17 4.75
C LEU A 442 -5.23 -27.67 4.89
N LEU A 443 -4.26 -26.90 4.44
CA LEU A 443 -4.23 -25.46 4.62
C LEU A 443 -4.75 -24.75 3.38
N VAL A 444 -5.42 -23.61 3.59
CA VAL A 444 -5.95 -22.79 2.52
C VAL A 444 -5.45 -21.37 2.78
N PHE A 445 -4.47 -20.93 1.97
CA PHE A 445 -3.81 -19.65 2.23
C PHE A 445 -4.41 -18.49 1.49
N GLY A 446 -5.24 -18.74 0.48
CA GLY A 446 -5.92 -17.67 -0.23
C GLY A 446 -5.37 -17.46 -1.61
N GLY A 447 -5.95 -16.49 -2.31
CA GLY A 447 -5.48 -16.13 -3.62
C GLY A 447 -5.16 -14.65 -3.74
N ASN A 448 -5.00 -14.16 -4.96
CA ASN A 448 -4.68 -12.75 -5.16
C ASN A 448 -5.91 -11.86 -5.21
N GLY A 449 -7.10 -12.43 -5.35
CA GLY A 449 -8.32 -11.65 -5.29
C GLY A 449 -8.87 -11.20 -6.62
N HIS A 450 -8.32 -11.68 -7.74
CA HIS A 450 -8.83 -11.26 -9.04
C HIS A 450 -10.14 -11.93 -9.37
N VAL A 451 -10.65 -12.80 -8.49
CA VAL A 451 -11.92 -13.46 -8.74
C VAL A 451 -13.08 -12.50 -8.53
N THR A 452 -13.03 -11.71 -7.46
CA THR A 452 -14.12 -10.79 -7.13
C THR A 452 -13.69 -9.32 -7.20
N LYS A 453 -12.56 -9.03 -7.84
CA LYS A 453 -12.03 -7.68 -7.86
C LYS A 453 -12.76 -6.81 -8.86
N SER A 454 -12.97 -5.55 -8.48
CA SER A 454 -13.56 -4.55 -9.35
C SER A 454 -12.49 -3.52 -9.70
N ALA A 455 -12.91 -2.47 -10.41
CA ALA A 455 -11.96 -1.45 -10.83
C ALA A 455 -11.36 -0.72 -9.63
N HIS A 456 -12.20 -0.18 -8.75
CA HIS A 456 -11.75 0.59 -7.61
C HIS A 456 -12.01 -0.12 -6.28
N THR A 457 -11.94 -1.44 -6.28
CA THR A 457 -12.00 -2.22 -5.05
C THR A 457 -10.73 -3.05 -4.92
N ALA A 458 -10.52 -3.62 -3.74
CA ALA A 458 -9.35 -4.44 -3.45
C ALA A 458 -9.69 -5.51 -2.42
N PRO A 459 -10.43 -6.54 -2.82
CA PRO A 459 -10.64 -7.67 -1.92
C PRO A 459 -9.36 -8.49 -1.79
N LEU A 460 -9.08 -8.94 -0.58
CA LEU A 460 -7.81 -9.61 -0.30
C LEU A 460 -8.02 -10.76 0.66
N SER A 461 -6.96 -11.52 0.87
CA SER A 461 -6.97 -12.64 1.82
C SER A 461 -6.71 -12.12 3.22
N ILE A 462 -7.65 -12.41 4.14
CA ILE A 462 -7.50 -11.95 5.51
C ILE A 462 -6.86 -12.99 6.42
N GLY A 463 -6.75 -14.24 5.98
CA GLY A 463 -6.15 -15.25 6.82
C GLY A 463 -6.14 -16.61 6.16
N VAL A 464 -5.93 -17.63 6.98
CA VAL A 464 -5.77 -19.02 6.54
C VAL A 464 -6.94 -19.84 7.04
N PHE A 465 -7.44 -20.75 6.20
CA PHE A 465 -8.38 -21.78 6.58
C PHE A 465 -7.65 -23.11 6.75
N ARG A 466 -8.07 -23.88 7.76
CA ARG A 466 -7.49 -25.19 7.99
C ARG A 466 -8.57 -26.25 8.08
N VAL A 467 -8.33 -27.38 7.44
CA VAL A 467 -9.15 -28.59 7.59
C VAL A 467 -8.23 -29.67 8.13
N ARG A 468 -8.51 -30.16 9.33
CA ARG A 468 -7.69 -31.18 9.97
C ARG A 468 -8.48 -32.48 10.05
N TYR A 469 -7.92 -33.56 9.52
CA TYR A 469 -8.57 -34.86 9.54
C TYR A 469 -8.01 -35.72 10.64
N ASN A 470 -8.78 -36.72 11.05
CA ASN A 470 -8.30 -37.70 12.01
C ASN A 470 -7.53 -38.81 11.30
N ALA A 471 -6.97 -39.73 12.08
CA ALA A 471 -6.04 -40.71 11.53
C ALA A 471 -6.68 -41.58 10.46
N THR A 472 -7.94 -41.97 10.67
CA THR A 472 -8.65 -42.78 9.68
C THR A 472 -9.19 -41.95 8.52
N GLY A 473 -9.32 -40.64 8.69
CA GLY A 473 -9.93 -39.82 7.68
C GLY A 473 -11.45 -39.86 7.65
N THR A 474 -12.09 -40.11 8.78
CA THR A 474 -13.53 -40.25 8.84
C THR A 474 -14.23 -39.07 9.50
N SER A 475 -13.52 -37.99 9.80
CA SER A 475 -14.13 -36.76 10.28
C SER A 475 -13.15 -35.62 10.12
N ALA A 476 -13.67 -34.41 9.99
CA ALA A 476 -12.84 -33.24 9.76
C ALA A 476 -13.44 -32.05 10.50
N THR A 477 -12.55 -31.18 10.99
CA THR A 477 -12.93 -29.90 11.55
C THR A 477 -12.41 -28.78 10.66
N VAL A 478 -13.15 -27.67 10.66
CA VAL A 478 -12.84 -26.52 9.82
C VAL A 478 -12.65 -25.31 10.73
N THR A 479 -11.56 -24.57 10.52
CA THR A 479 -11.31 -23.37 11.28
C THR A 479 -10.56 -22.37 10.41
N GLY A 480 -10.46 -21.14 10.90
CA GLY A 480 -9.71 -20.11 10.20
C GLY A 480 -9.12 -19.09 11.14
N TRP A 481 -7.93 -18.59 10.83
CA TRP A 481 -7.29 -17.57 11.64
C TRP A 481 -6.89 -16.39 10.76
N PRO A 482 -7.04 -15.16 11.25
CA PRO A 482 -6.55 -14.01 10.50
C PRO A 482 -5.03 -13.92 10.48
N TYR A 483 -4.51 -13.32 9.41
CA TYR A 483 -3.07 -13.11 9.31
C TYR A 483 -2.55 -12.20 10.41
N ALA A 484 -3.40 -11.29 10.90
CA ALA A 484 -3.01 -10.42 12.01
C ALA A 484 -2.48 -11.21 13.18
N LEU A 485 -3.15 -12.31 13.51
CA LEU A 485 -2.79 -13.13 14.66
C LEU A 485 -1.55 -13.97 14.37
N LEU A 486 -1.46 -14.56 13.19
CA LEU A 486 -0.32 -15.41 12.85
C LEU A 486 0.97 -14.63 12.70
N PHE A 487 0.89 -13.36 12.27
CA PHE A 487 2.06 -12.54 12.05
C PHE A 487 2.38 -11.63 13.24
N SER A 488 1.86 -11.95 14.42
CA SER A 488 1.94 -11.03 15.54
C SER A 488 3.28 -11.02 16.26
N GLY A 489 4.25 -11.83 15.83
CA GLY A 489 5.53 -11.87 16.52
C GLY A 489 6.70 -11.45 15.67
N MET A 490 6.51 -10.48 14.80
CA MET A 490 7.57 -10.04 13.90
C MET A 490 8.51 -9.08 14.63
N VAL A 491 9.80 -9.20 14.34
CA VAL A 491 10.83 -8.33 14.90
C VAL A 491 11.75 -7.89 13.78
N ASN A 492 12.78 -7.12 14.15
CA ASN A 492 13.67 -6.56 13.13
C ASN A 492 14.72 -7.56 12.68
N LYS A 493 15.20 -8.40 13.61
CA LYS A 493 16.26 -9.35 13.25
C LYS A 493 15.73 -10.57 12.49
N GLN A 494 14.43 -10.60 12.17
CA GLN A 494 13.88 -11.66 11.35
C GLN A 494 13.94 -11.36 9.86
N THR A 495 14.56 -10.26 9.46
CA THR A 495 14.68 -9.89 8.06
C THR A 495 16.12 -9.56 7.72
N ASP A 496 16.41 -9.48 6.43
CA ASP A 496 17.74 -9.15 5.96
C ASP A 496 17.77 -7.90 5.08
N GLY A 497 16.62 -7.32 4.79
CA GLY A 497 16.53 -6.11 3.99
C GLY A 497 16.32 -4.88 4.84
N LEU A 498 15.38 -4.04 4.40
CA LEU A 498 15.09 -2.79 5.09
C LEU A 498 14.68 -3.03 6.52
N LYS A 499 15.19 -2.20 7.42
CA LYS A 499 14.74 -2.20 8.81
C LYS A 499 13.65 -1.16 9.02
N ASP A 500 12.88 -1.34 10.09
CA ASP A 500 11.87 -0.38 10.52
C ASP A 500 10.71 -0.24 9.53
N LEU A 501 10.21 -1.36 9.01
CA LEU A 501 9.04 -1.30 8.15
C LEU A 501 7.77 -1.33 9.00
N PRO A 502 6.69 -0.70 8.55
CA PRO A 502 5.47 -0.68 9.35
C PRO A 502 4.75 -2.02 9.37
N PHE A 503 5.33 -3.00 10.05
CA PHE A 503 4.73 -4.31 10.20
C PHE A 503 4.32 -4.62 11.63
N ASN A 504 4.63 -3.75 12.58
CA ASN A 504 4.36 -4.03 13.98
C ASN A 504 2.86 -4.04 14.24
N ASN A 505 2.49 -4.46 15.44
CA ASN A 505 1.12 -4.56 15.86
C ASN A 505 1.08 -4.29 17.36
N ASN A 506 -0.13 -4.21 17.93
CA ASN A 506 -0.29 -4.08 19.37
C ASN A 506 -1.33 -5.09 19.84
N ARG A 507 -1.67 -5.01 21.12
CA ARG A 507 -2.54 -6.01 21.72
C ARG A 507 -4.00 -5.78 21.34
N TRP A 508 -4.31 -4.73 20.61
CA TRP A 508 -5.65 -4.56 20.07
C TRP A 508 -5.76 -5.00 18.62
N PHE A 509 -4.63 -5.35 18.00
CA PHE A 509 -4.59 -5.84 16.62
C PHE A 509 -5.20 -4.83 15.66
N GLU A 510 -4.71 -3.58 15.76
CA GLU A 510 -5.19 -2.53 14.89
C GLU A 510 -4.52 -2.56 13.52
N TYR A 511 -3.45 -3.33 13.38
CA TYR A 511 -2.86 -3.58 12.08
C TYR A 511 -3.51 -4.84 11.51
N VAL A 512 -4.15 -4.68 10.36
CA VAL A 512 -4.84 -5.78 9.70
C VAL A 512 -4.07 -6.16 8.45
N PRO A 513 -3.05 -7.02 8.54
CA PRO A 513 -2.35 -7.43 7.33
C PRO A 513 -3.23 -8.30 6.45
N ARG A 514 -3.47 -7.81 5.24
CA ARG A 514 -4.15 -8.58 4.20
C ARG A 514 -3.15 -8.84 3.10
N MET A 515 -3.31 -9.95 2.41
CA MET A 515 -2.31 -10.41 1.46
C MET A 515 -2.93 -10.71 0.11
N ALA A 516 -2.11 -10.61 -0.93
CA ALA A 516 -2.40 -11.19 -2.23
C ALA A 516 -1.42 -12.35 -2.38
N VAL A 517 -1.91 -13.56 -2.13
CA VAL A 517 -1.03 -14.71 -1.92
C VAL A 517 -0.58 -15.27 -3.26
N ALA A 518 0.70 -15.63 -3.34
CA ALA A 518 1.21 -16.33 -4.51
C ALA A 518 1.14 -17.84 -4.33
N GLY A 519 1.48 -18.32 -3.15
CA GLY A 519 1.41 -19.74 -2.87
C GLY A 519 2.22 -20.07 -1.63
N ALA A 520 2.03 -21.30 -1.17
CA ALA A 520 2.79 -21.85 -0.06
C ALA A 520 3.45 -23.13 -0.54
N LYS A 521 4.78 -23.16 -0.55
CA LYS A 521 5.54 -24.27 -1.10
C LYS A 521 6.57 -24.74 -0.09
N PHE A 522 6.95 -26.02 -0.20
CA PHE A 522 8.00 -26.57 0.66
C PHE A 522 9.31 -26.66 -0.12
N VAL A 523 10.29 -25.88 0.31
CA VAL A 523 11.64 -25.94 -0.25
C VAL A 523 12.44 -26.80 0.72
N GLY A 524 12.50 -28.09 0.45
CA GLY A 524 13.00 -29.04 1.42
C GLY A 524 12.02 -29.19 2.58
N ARG A 525 12.42 -28.74 3.76
CA ARG A 525 11.58 -28.81 4.95
C ARG A 525 10.93 -27.48 5.30
N GLU A 526 11.29 -26.40 4.61
CA GLU A 526 10.82 -25.07 4.96
C GLU A 526 9.56 -24.72 4.17
N LEU A 527 8.51 -24.32 4.88
CA LEU A 527 7.29 -23.83 4.25
C LEU A 527 7.48 -22.35 3.93
N VAL A 528 7.48 -22.03 2.64
CA VAL A 528 7.69 -20.65 2.19
C VAL A 528 6.34 -20.10 1.73
N LEU A 529 6.05 -18.88 2.15
CA LEU A 529 4.83 -18.17 1.77
C LEU A 529 5.23 -16.83 1.15
N ALA A 530 4.59 -16.47 0.05
CA ALA A 530 5.07 -15.33 -0.74
C ALA A 530 3.92 -14.63 -1.43
N GLY A 531 4.14 -13.36 -1.76
CA GLY A 531 3.17 -12.53 -2.44
C GLY A 531 3.39 -11.06 -2.17
N THR A 532 2.33 -10.27 -2.14
CA THR A 532 2.37 -8.88 -1.70
C THR A 532 1.47 -8.72 -0.49
N ILE A 533 1.67 -7.62 0.24
CA ILE A 533 1.04 -7.43 1.54
C ILE A 533 0.76 -5.96 1.77
N THR A 534 -0.29 -5.68 2.53
CA THR A 534 -0.58 -4.33 3.01
C THR A 534 0.21 -4.06 4.28
N MET A 535 0.97 -2.98 4.28
CA MET A 535 1.63 -2.51 5.49
C MET A 535 0.71 -1.54 6.21
N GLY A 536 1.14 -1.07 7.37
CA GLY A 536 0.40 -0.03 8.05
C GLY A 536 0.47 1.27 7.28
N ASP A 537 -0.49 2.15 7.54
CA ASP A 537 -0.56 3.37 6.77
C ASP A 537 0.36 4.44 7.34
N THR A 538 1.28 4.93 6.51
CA THR A 538 2.14 6.04 6.86
C THR A 538 1.91 7.28 6.01
N ALA A 539 1.02 7.22 5.03
CA ALA A 539 0.81 8.36 4.14
C ALA A 539 0.03 9.47 4.80
N THR A 540 -0.83 9.15 5.76
CA THR A 540 -1.63 10.15 6.45
C THR A 540 -1.30 10.22 7.93
N VAL A 541 -0.07 9.89 8.31
CA VAL A 541 0.38 10.04 9.70
C VAL A 541 0.40 11.52 10.07
N PRO A 542 1.04 12.41 9.29
CA PRO A 542 0.99 13.83 9.65
C PRO A 542 -0.40 14.40 9.47
N ARG A 543 -0.83 15.21 10.43
CA ARG A 543 -2.11 15.88 10.40
C ARG A 543 -1.90 17.36 10.13
N LEU A 544 -2.84 17.96 9.40
CA LEU A 544 -2.73 19.36 9.04
C LEU A 544 -3.30 20.24 10.15
N LEU A 545 -2.94 21.53 10.09
CA LEU A 545 -3.54 22.50 11.01
C LEU A 545 -5.01 22.67 10.67
N TYR A 546 -5.80 23.08 11.66
CA TYR A 546 -7.24 23.07 11.51
C TYR A 546 -7.73 24.14 10.54
N ASP A 547 -6.91 25.15 10.27
CA ASP A 547 -7.22 26.19 9.30
C ASP A 547 -6.26 26.16 8.12
N GLU A 548 -5.87 24.96 7.69
CA GLU A 548 -5.04 24.78 6.52
C GLU A 548 -5.58 23.70 5.60
N LEU A 549 -6.84 23.32 5.75
CA LEU A 549 -7.38 22.21 4.95
C LEU A 549 -7.61 22.61 3.51
N GLU A 550 -8.16 23.82 3.28
CA GLU A 550 -8.48 24.26 1.93
C GLU A 550 -7.27 24.63 1.10
N SER A 551 -6.06 24.36 1.58
CA SER A 551 -4.85 24.55 0.81
C SER A 551 -4.11 23.25 0.53
N ASN A 552 -4.57 22.13 1.12
CA ASN A 552 -3.89 20.85 1.05
C ASN A 552 -4.93 19.77 0.71
N LEU A 553 -5.69 20.03 -0.35
CA LEU A 553 -6.82 19.17 -0.72
C LEU A 553 -6.41 17.71 -0.90
N ASN A 554 -5.21 17.45 -1.42
CA ASN A 554 -4.80 16.07 -1.66
C ASN A 554 -4.72 15.26 -0.38
N LEU A 555 -4.08 15.81 0.65
CA LEU A 555 -3.98 15.11 1.92
C LEU A 555 -5.35 14.94 2.57
N VAL A 556 -6.24 15.91 2.39
CA VAL A 556 -7.59 15.79 2.93
C VAL A 556 -8.34 14.68 2.22
N ALA A 557 -8.10 14.51 0.92
CA ALA A 557 -8.74 13.42 0.19
C ALA A 557 -8.19 12.08 0.62
N GLN A 558 -6.87 12.00 0.82
CA GLN A 558 -6.28 10.78 1.37
C GLN A 558 -6.87 10.44 2.72
N GLY A 559 -7.16 11.45 3.54
CA GLY A 559 -7.70 11.20 4.87
C GLY A 559 -9.18 10.86 4.88
N GLN A 560 -9.95 11.33 3.90
CA GLN A 560 -11.37 11.00 3.85
C GLN A 560 -11.64 9.64 3.24
N GLY A 561 -10.60 8.91 2.85
CA GLY A 561 -10.77 7.65 2.16
C GLY A 561 -11.14 7.78 0.70
N LEU A 562 -11.24 9.00 0.17
CA LEU A 562 -11.68 9.20 -1.20
C LEU A 562 -10.54 9.01 -2.19
N LEU A 563 -9.33 9.39 -1.81
CA LEU A 563 -8.15 9.19 -2.63
C LEU A 563 -7.49 7.90 -2.18
N ARG A 564 -7.79 6.81 -2.88
CA ARG A 564 -7.24 5.50 -2.57
C ARG A 564 -5.77 5.38 -2.97
N GLU A 565 -4.90 6.11 -2.27
CA GLU A 565 -3.49 6.22 -2.61
C GLU A 565 -2.68 6.06 -1.33
N ASP A 566 -1.73 5.12 -1.35
CA ASP A 566 -0.97 4.79 -0.15
C ASP A 566 0.38 5.48 -0.09
N LEU A 567 0.85 6.06 -1.19
CA LEU A 567 2.14 6.72 -1.19
C LEU A 567 2.08 8.02 -0.40
N GLN A 568 3.24 8.42 0.13
CA GLN A 568 3.34 9.68 0.86
C GLN A 568 3.50 10.83 -0.13
N LEU A 569 2.71 11.88 0.07
CA LEU A 569 2.79 13.08 -0.75
C LEU A 569 3.54 14.16 0.01
N PHE A 570 4.14 15.10 -0.74
CA PHE A 570 5.02 16.10 -0.16
C PHE A 570 4.33 17.46 -0.12
N THR A 571 3.64 17.74 0.98
CA THR A 571 2.98 19.02 1.22
C THR A 571 3.21 19.46 2.66
N PRO A 572 4.48 19.59 3.07
CA PRO A 572 4.78 19.68 4.51
C PRO A 572 4.53 21.04 5.12
N TYR A 573 4.14 22.05 4.34
CA TYR A 573 3.98 23.39 4.92
C TYR A 573 2.86 23.42 5.94
N GLY A 574 1.70 22.86 5.60
CA GLY A 574 0.53 22.97 6.44
C GLY A 574 0.40 21.95 7.54
N TRP A 575 1.36 21.06 7.70
CA TRP A 575 1.34 20.12 8.82
C TRP A 575 1.44 20.86 10.14
N ALA A 576 0.83 20.29 11.16
CA ALA A 576 1.14 20.69 12.52
C ALA A 576 2.51 20.13 12.88
N ASN A 577 3.10 20.66 13.96
CA ASN A 577 4.44 20.22 14.31
C ASN A 577 4.47 18.77 14.76
N ARG A 578 3.42 18.31 15.44
CA ARG A 578 3.31 16.92 15.81
C ARG A 578 1.84 16.55 15.74
N PRO A 579 1.50 15.32 15.34
CA PRO A 579 0.11 14.97 15.07
C PRO A 579 -0.66 14.33 16.22
N ASP A 580 -0.13 14.33 17.43
CA ASP A 580 -0.77 13.63 18.55
C ASP A 580 -1.28 14.58 19.63
N LEU A 581 -1.89 15.70 19.25
CA LEU A 581 -2.33 16.53 20.35
C LEU A 581 -3.85 16.65 20.39
N PRO A 582 -4.44 16.64 21.58
CA PRO A 582 -5.90 16.81 21.69
C PRO A 582 -6.31 18.20 21.23
N ILE A 583 -7.62 18.35 21.00
CA ILE A 583 -8.12 19.59 20.44
C ILE A 583 -7.94 20.75 21.40
N GLY A 584 -7.96 20.47 22.71
CA GLY A 584 -7.79 21.52 23.69
C GLY A 584 -6.47 22.26 23.60
N ALA A 585 -5.50 21.70 22.89
CA ALA A 585 -4.18 22.29 22.74
C ALA A 585 -4.00 23.05 21.44
N TRP A 586 -5.08 23.31 20.69
CA TRP A 586 -4.93 23.76 19.32
C TRP A 586 -4.94 25.28 19.17
N SER A 587 -5.85 25.98 19.83
CA SER A 587 -6.09 27.36 19.37
C SER A 587 -5.11 28.38 19.93
N SER A 588 -5.28 28.77 21.20
CA SER A 588 -4.48 29.83 21.81
C SER A 588 -4.95 30.14 23.22
N SER A 589 -4.11 30.80 24.02
CA SER A 589 -4.61 31.42 25.23
C SER A 589 -4.71 32.94 25.10
N SER A 590 -3.87 33.54 24.25
CA SER A 590 -3.81 34.97 24.09
C SER A 590 -4.68 35.49 22.94
N SER A 591 -5.59 34.66 22.43
CA SER A 591 -6.33 34.97 21.20
C SER A 591 -5.38 35.33 20.08
N SER A 592 -4.30 34.57 19.96
CA SER A 592 -3.32 34.66 18.90
C SER A 592 -3.56 33.58 17.86
N SER A 593 -2.56 33.38 17.01
CA SER A 593 -2.56 32.30 16.03
C SER A 593 -2.30 30.98 16.74
N HIS A 594 -1.88 29.97 15.99
CA HIS A 594 -1.68 28.59 16.50
C HIS A 594 -0.89 28.65 17.81
N ASN A 595 -1.05 27.67 18.69
CA ASN A 595 -0.66 27.71 20.10
C ASN A 595 0.78 27.26 20.28
N ALA A 596 1.72 27.98 19.68
CA ALA A 596 3.13 27.69 19.92
C ALA A 596 3.46 27.95 21.40
N PRO A 597 4.41 27.20 21.97
CA PRO A 597 5.28 26.17 21.39
C PRO A 597 4.64 24.78 21.28
N TYR A 598 3.35 24.68 21.59
CA TYR A 598 2.71 23.37 21.64
C TYR A 598 2.19 22.96 20.26
N TYR A 599 1.55 23.88 19.54
CA TYR A 599 0.83 23.59 18.32
C TYR A 599 1.05 24.73 17.34
N PHE A 600 1.92 24.52 16.35
CA PHE A 600 2.27 25.56 15.41
C PHE A 600 2.66 24.92 14.08
N HIS A 601 3.08 25.74 13.14
CA HIS A 601 3.47 25.24 11.83
C HIS A 601 4.73 24.39 11.93
N ASN A 602 4.71 23.23 11.31
CA ASN A 602 5.89 22.37 11.28
C ASN A 602 7.04 23.08 10.58
N ASN A 603 8.14 23.24 11.30
CA ASN A 603 9.34 23.84 10.75
C ASN A 603 10.55 23.26 11.46
N PRO A 604 11.26 22.30 10.86
CA PRO A 604 12.40 21.68 11.55
C PRO A 604 13.56 22.63 11.78
N ASP A 605 13.52 23.84 11.22
CA ASP A 605 14.55 24.82 11.48
C ASP A 605 14.31 25.53 12.81
N TRP A 606 13.08 25.50 13.32
CA TRP A 606 12.73 26.11 14.59
C TRP A 606 12.67 25.11 15.73
N GLN A 607 13.30 23.95 15.60
CA GLN A 607 13.26 22.97 16.67
C GLN A 607 14.34 23.26 17.70
N ASP A 608 14.16 22.69 18.89
CA ASP A 608 15.11 22.87 19.97
C ASP A 608 16.27 21.91 19.82
N ARG A 609 17.30 22.11 20.63
CA ARG A 609 18.32 21.09 20.48
C ARG A 609 18.46 20.28 21.76
N PRO A 610 18.69 18.98 21.67
CA PRO A 610 18.67 18.10 22.84
C PRO A 610 19.95 18.12 23.67
N ILE A 611 20.44 19.32 23.98
CA ILE A 611 21.53 19.43 24.94
C ILE A 611 20.96 19.36 26.36
N GLN A 612 21.82 19.08 27.33
CA GLN A 612 21.40 18.80 28.70
C GLN A 612 20.63 19.95 29.32
N ASN A 613 21.17 21.16 29.26
CA ASN A 613 20.51 22.27 29.93
C ASN A 613 19.20 22.68 29.27
N VAL A 614 18.92 22.26 28.04
CA VAL A 614 17.64 22.54 27.41
C VAL A 614 16.60 21.49 27.80
N VAL A 615 16.99 20.21 27.77
CA VAL A 615 16.11 19.15 28.23
C VAL A 615 15.77 19.33 29.70
N ASP A 616 16.72 19.83 30.49
CA ASP A 616 16.46 20.13 31.90
C ASP A 616 15.49 21.29 32.07
N ALA A 617 15.53 22.28 31.19
CA ALA A 617 14.66 23.44 31.34
C ALA A 617 13.24 23.13 30.90
N PHE A 618 13.08 22.42 29.78
CA PHE A 618 11.77 22.32 29.15
C PHE A 618 11.05 21.00 29.42
N ILE A 619 11.76 19.94 29.81
CA ILE A 619 11.12 18.65 29.99
C ILE A 619 11.14 18.17 31.44
N LYS A 620 12.25 18.30 32.15
CA LYS A 620 12.46 17.63 33.42
C LYS A 620 11.54 18.11 34.56
N PRO A 621 11.11 19.38 34.61
CA PRO A 621 10.17 19.76 35.67
C PRO A 621 8.87 18.99 35.65
N TRP A 622 8.57 18.36 34.51
CA TRP A 622 7.27 17.72 34.32
C TRP A 622 7.35 16.25 33.92
N GLU A 623 8.46 15.77 33.36
CA GLU A 623 8.50 14.44 32.76
C GLU A 623 8.39 13.34 33.82
N ASP A 624 8.48 13.71 35.09
CA ASP A 624 8.37 12.72 36.16
C ASP A 624 7.03 12.78 36.87
N LYS A 625 5.99 13.27 36.21
CA LYS A 625 4.67 13.35 36.80
C LYS A 625 3.55 12.95 35.86
N ASN A 626 3.85 12.45 34.66
CA ASN A 626 2.82 12.08 33.70
C ASN A 626 1.93 10.98 34.23
N GLY A 627 2.49 9.79 34.48
CA GLY A 627 1.73 8.74 35.12
C GLY A 627 1.63 8.96 36.62
N LYS A 628 0.98 10.05 37.01
CA LYS A 628 0.89 10.42 38.42
C LYS A 628 -0.36 11.26 38.64
N ASP A 629 -1.25 10.77 39.49
CA ASP A 629 -2.42 11.52 39.95
C ASP A 629 -3.33 11.89 38.78
N ASP A 630 -3.29 11.06 37.75
CA ASP A 630 -4.18 11.17 36.59
C ASP A 630 -4.07 12.55 35.93
N ALA A 631 -2.86 12.87 35.52
CA ALA A 631 -2.63 14.11 34.77
C ALA A 631 -1.36 13.96 33.95
N LYS A 632 -1.49 14.19 32.64
CA LYS A 632 -0.36 14.16 31.73
C LYS A 632 -0.09 15.57 31.23
N TYR A 633 1.12 15.78 30.73
CA TYR A 633 1.60 17.12 30.42
C TYR A 633 2.21 17.18 29.03
N ILE A 634 2.00 18.30 28.35
CA ILE A 634 2.63 18.62 27.08
C ILE A 634 3.70 19.66 27.36
N TYR A 635 4.94 19.31 27.07
CA TYR A 635 6.06 20.17 27.41
C TYR A 635 6.18 21.33 26.42
N PRO A 636 6.54 22.51 26.91
CA PRO A 636 6.86 23.64 26.02
C PRO A 636 8.20 23.43 25.31
N TYR A 637 8.29 22.32 24.61
CA TYR A 637 9.45 21.92 23.84
C TYR A 637 9.08 21.92 22.36
N ARG A 638 9.89 22.58 21.55
CA ARG A 638 9.60 22.68 20.14
C ARG A 638 9.99 21.39 19.44
N TYR A 639 9.00 20.68 18.92
CA TYR A 639 9.19 19.45 18.15
C TYR A 639 8.84 19.74 16.70
N SER A 640 9.70 19.34 15.79
CA SER A 640 9.43 19.48 14.36
C SER A 640 10.34 18.54 13.60
N GLY A 641 9.90 18.14 12.42
CA GLY A 641 10.69 17.24 11.59
C GLY A 641 9.98 16.97 10.29
N MET A 642 10.74 16.41 9.36
CA MET A 642 10.26 16.11 8.02
C MET A 642 9.62 14.72 8.00
N TRP A 643 9.40 14.17 6.80
CA TRP A 643 8.66 12.92 6.67
C TRP A 643 9.25 11.80 7.52
N ALA A 644 10.57 11.61 7.46
CA ALA A 644 11.19 10.53 8.22
C ALA A 644 10.96 10.68 9.71
N TRP A 645 10.94 11.91 10.21
CA TRP A 645 10.73 12.14 11.63
C TRP A 645 9.29 11.83 12.05
N GLN A 646 8.33 12.11 11.18
CA GLN A 646 6.94 11.76 11.47
C GLN A 646 6.74 10.25 11.45
N VAL A 647 7.39 9.59 10.47
CA VAL A 647 7.25 8.14 10.33
C VAL A 647 7.91 7.42 11.51
N TYR A 648 9.08 7.90 11.92
CA TYR A 648 9.84 7.24 12.98
C TYR A 648 9.19 7.44 14.34
N ASN A 649 8.13 8.23 14.41
CA ASN A 649 7.55 8.55 15.72
C ASN A 649 6.06 8.25 15.82
N TRP A 650 5.35 8.13 14.71
CA TRP A 650 3.92 7.87 14.78
C TRP A 650 3.42 6.79 13.83
N SER A 651 4.30 6.03 13.22
CA SER A 651 3.90 4.86 12.46
C SER A 651 4.01 3.61 13.35
N ASN A 652 3.90 2.44 12.75
CA ASN A 652 3.99 1.18 13.50
C ASN A 652 5.25 0.42 13.08
N LYS A 653 6.37 1.12 13.00
CA LYS A 653 7.61 0.53 12.51
C LYS A 653 8.04 -0.65 13.37
N LEU A 654 8.85 -1.53 12.79
CA LEU A 654 9.31 -2.71 13.48
C LEU A 654 10.42 -2.36 14.46
N THR A 655 10.38 -3.02 15.62
CA THR A 655 11.40 -2.87 16.65
C THR A 655 11.89 -4.26 16.99
N ASP A 656 12.65 -4.38 18.07
CA ASP A 656 13.09 -5.68 18.55
C ASP A 656 12.14 -6.30 19.56
N GLN A 657 11.17 -5.55 20.05
CA GLN A 657 10.17 -6.10 20.93
C GLN A 657 8.86 -6.30 20.19
N PRO A 658 8.29 -7.49 20.22
CA PRO A 658 7.01 -7.73 19.52
C PRO A 658 5.82 -7.07 20.20
N LEU A 659 4.77 -6.83 19.43
CA LEU A 659 3.54 -6.17 19.91
C LEU A 659 3.85 -4.91 20.70
N SER A 660 4.68 -4.03 20.15
CA SER A 660 5.16 -2.84 20.85
C SER A 660 4.83 -1.60 20.03
N ALA A 661 3.84 -1.71 19.15
CA ALA A 661 3.41 -0.58 18.33
C ALA A 661 2.51 0.31 19.17
N ASP A 662 2.92 1.56 19.35
CA ASP A 662 2.13 2.50 20.13
C ASP A 662 1.20 3.31 19.25
N PHE A 663 1.51 3.41 17.96
CA PHE A 663 0.69 4.14 17.00
C PHE A 663 0.54 3.28 15.76
N VAL A 664 -0.62 2.72 15.57
CA VAL A 664 -1.02 2.27 14.25
C VAL A 664 -2.01 3.30 13.71
N ASN A 665 -1.58 4.03 12.68
CA ASN A 665 -2.40 5.12 12.18
C ASN A 665 -3.64 4.58 11.50
N GLU A 666 -3.44 3.80 10.44
CA GLU A 666 -4.53 3.23 9.67
C GLU A 666 -3.95 2.04 8.92
N ASN A 667 -4.70 1.53 7.94
CA ASN A 667 -4.26 0.41 7.12
C ASN A 667 -4.24 0.85 5.67
N ALA A 668 -3.47 0.14 4.85
CA ALA A 668 -3.32 0.51 3.46
C ALA A 668 -4.54 0.08 2.65
N TYR A 669 -4.83 0.85 1.59
CA TYR A 669 -5.89 0.46 0.66
C TYR A 669 -5.52 -0.80 -0.10
N GLN A 670 -4.31 -0.85 -0.65
CA GLN A 670 -3.87 -1.92 -1.53
C GLN A 670 -2.58 -2.53 -1.00
N PRO A 671 -2.18 -3.71 -1.49
CA PRO A 671 -0.87 -4.25 -1.13
C PRO A 671 0.25 -3.34 -1.60
N ASN A 672 1.07 -2.84 -0.69
CA ASN A 672 2.08 -1.85 -1.03
C ASN A 672 3.49 -2.32 -0.73
N SER A 673 3.72 -3.64 -0.66
CA SER A 673 5.05 -4.14 -0.42
C SER A 673 5.16 -5.57 -0.90
N LEU A 674 6.29 -5.87 -1.54
CA LEU A 674 6.66 -7.24 -1.82
C LEU A 674 6.90 -7.98 -0.51
N PHE A 675 6.72 -9.29 -0.52
CA PHE A 675 6.70 -10.01 0.74
C PHE A 675 7.01 -11.48 0.50
N ALA A 676 7.62 -12.10 1.50
CA ALA A 676 7.91 -13.52 1.51
C ALA A 676 8.17 -13.91 2.96
N ALA A 677 7.60 -15.04 3.37
CA ALA A 677 7.70 -15.46 4.76
C ALA A 677 7.97 -16.95 4.84
N ILE A 678 8.73 -17.34 5.86
CA ILE A 678 8.96 -18.75 6.21
C ILE A 678 8.17 -19.05 7.47
N LEU A 679 7.48 -20.20 7.47
CA LEU A 679 6.58 -20.57 8.54
C LEU A 679 6.98 -21.92 9.12
N ASN A 680 6.69 -22.10 10.40
CA ASN A 680 6.87 -23.38 11.06
C ASN A 680 5.68 -24.26 10.74
N PRO A 681 5.83 -25.25 9.85
CA PRO A 681 4.67 -26.02 9.40
C PRO A 681 4.11 -26.92 10.48
N GLU A 682 4.95 -27.39 11.41
CA GLU A 682 4.50 -28.25 12.49
C GLU A 682 3.54 -27.57 13.44
N LEU A 683 3.71 -26.26 13.66
CA LEU A 683 2.81 -25.52 14.54
C LEU A 683 1.50 -25.19 13.84
N LEU A 684 1.53 -24.98 12.52
CA LEU A 684 0.31 -24.72 11.78
C LEU A 684 -0.68 -25.86 11.86
N ALA A 685 -0.21 -27.10 11.93
CA ALA A 685 -1.10 -28.25 12.09
C ALA A 685 -1.45 -28.54 13.54
N ALA A 686 -0.84 -27.82 14.49
CA ALA A 686 -1.01 -28.10 15.91
C ALA A 686 -1.74 -27.00 16.67
N LEU A 687 -1.98 -25.85 16.06
CA LEU A 687 -2.63 -24.74 16.74
C LEU A 687 -4.02 -25.15 17.22
N PRO A 688 -4.61 -24.38 18.14
CA PRO A 688 -5.99 -24.67 18.54
C PRO A 688 -6.97 -24.40 17.40
N ASP A 689 -8.13 -25.02 17.50
CA ASP A 689 -9.17 -24.80 16.49
C ASP A 689 -9.86 -23.46 16.66
N LYS A 690 -10.04 -23.00 17.90
CA LYS A 690 -10.72 -21.74 18.18
C LYS A 690 -9.80 -20.87 19.03
N VAL A 691 -9.65 -19.61 18.65
CA VAL A 691 -8.77 -18.69 19.35
C VAL A 691 -9.53 -18.05 20.51
N LYS A 692 -8.91 -18.03 21.68
CA LYS A 692 -9.50 -17.46 22.89
C LYS A 692 -8.79 -16.15 23.20
N TYR A 693 -9.49 -15.05 23.00
CA TYR A 693 -8.96 -13.74 23.34
C TYR A 693 -9.32 -13.38 24.78
N GLY A 694 -8.46 -12.58 25.39
CA GLY A 694 -8.65 -12.12 26.74
C GLY A 694 -9.19 -10.70 26.80
N LYS A 695 -9.20 -10.15 28.01
CA LYS A 695 -9.62 -8.77 28.19
C LYS A 695 -8.55 -7.77 27.80
N GLU A 696 -7.31 -8.23 27.66
CA GLU A 696 -6.22 -7.37 27.21
C GLU A 696 -6.30 -7.07 25.72
N ASN A 697 -7.35 -7.52 25.04
CA ASN A 697 -7.48 -7.36 23.60
C ASN A 697 -8.63 -6.44 23.22
N GLU A 698 -9.30 -5.83 24.19
CA GLU A 698 -10.46 -4.99 23.94
C GLU A 698 -10.16 -3.54 24.25
N PHE A 699 -10.92 -2.65 23.64
CA PHE A 699 -10.88 -1.24 23.98
C PHE A 699 -11.53 -1.01 25.34
N ALA A 700 -11.03 -0.01 26.06
CA ALA A 700 -11.52 0.29 27.40
C ALA A 700 -13.00 0.65 27.39
N ALA A 701 -13.67 0.45 28.52
CA ALA A 701 -15.11 0.67 28.59
C ALA A 701 -15.44 2.12 28.95
N ASN A 702 -14.58 2.78 29.71
CA ASN A 702 -14.80 4.16 30.09
C ASN A 702 -13.54 4.95 29.75
N GLU A 703 -13.68 6.27 29.67
CA GLU A 703 -12.57 7.11 29.28
C GLU A 703 -11.52 7.26 30.38
N TYR A 704 -11.86 6.95 31.63
CA TYR A 704 -10.86 6.92 32.69
C TYR A 704 -9.99 5.69 32.63
N GLU A 705 -10.51 4.58 32.10
CA GLU A 705 -9.78 3.32 32.07
C GLU A 705 -8.67 3.30 31.04
N ARG A 706 -8.82 4.03 29.94
CA ARG A 706 -7.80 4.05 28.89
C ARG A 706 -6.79 5.18 29.09
N PHE A 707 -7.09 6.14 29.95
CA PHE A 707 -6.07 7.12 30.32
C PHE A 707 -4.98 6.51 31.18
N ASN A 708 -5.32 5.48 31.96
CA ASN A 708 -4.35 4.66 32.65
C ASN A 708 -4.26 3.34 31.87
N GLN A 709 -3.48 3.37 30.80
CA GLN A 709 -3.30 2.22 29.94
C GLN A 709 -1.85 1.78 29.97
N LYS A 710 -1.58 0.64 29.35
CA LYS A 710 -0.22 0.17 29.16
C LYS A 710 -0.15 -0.55 27.83
N LEU A 711 0.92 -0.25 27.08
CA LEU A 711 1.07 -0.81 25.74
C LEU A 711 1.19 -2.33 25.79
N THR A 712 1.76 -2.86 26.86
CA THR A 712 1.93 -4.31 27.03
C THR A 712 1.19 -4.78 28.27
N VAL A 713 0.44 -5.86 28.12
CA VAL A 713 -0.17 -6.58 29.23
C VAL A 713 0.06 -8.06 28.99
N ALA A 714 0.53 -8.76 30.01
CA ALA A 714 0.79 -10.19 29.86
C ALA A 714 -0.52 -10.92 29.54
N PRO A 715 -0.44 -12.00 28.79
CA PRO A 715 -1.65 -12.77 28.48
C PRO A 715 -2.25 -13.37 29.73
N THR A 716 -3.58 -13.37 29.78
CA THR A 716 -4.33 -13.86 30.93
C THR A 716 -4.48 -15.38 30.86
N GLN A 717 -4.78 -16.02 31.99
CA GLN A 717 -4.91 -17.47 32.07
C GLN A 717 -6.20 -17.90 31.39
N GLY A 718 -6.10 -18.94 30.57
CA GLY A 718 -7.26 -19.43 29.85
C GLY A 718 -7.41 -18.76 28.50
N THR A 719 -6.30 -18.25 27.97
CA THR A 719 -6.25 -17.66 26.64
C THR A 719 -5.06 -18.29 25.92
N ASN A 720 -5.17 -18.40 24.59
CA ASN A 720 -4.10 -19.00 23.81
C ASN A 720 -3.68 -18.11 22.64
N TRP A 721 -4.17 -16.87 22.58
CA TRP A 721 -3.89 -16.03 21.42
C TRP A 721 -2.40 -15.74 21.27
N SER A 722 -1.61 -16.02 22.30
CA SER A 722 -0.17 -15.82 22.24
C SER A 722 0.57 -17.06 21.80
N HIS A 723 -0.14 -18.14 21.45
CA HIS A 723 0.50 -19.33 20.92
C HIS A 723 0.75 -19.23 19.42
N PHE A 724 0.14 -18.25 18.76
CA PHE A 724 0.24 -18.08 17.32
C PHE A 724 1.47 -17.30 16.90
N SER A 725 2.20 -16.72 17.85
CA SER A 725 3.32 -15.84 17.57
C SER A 725 4.51 -16.53 16.91
N PRO A 726 4.95 -17.73 17.36
CA PRO A 726 6.19 -18.30 16.80
C PRO A 726 6.01 -18.90 15.42
N THR A 727 4.90 -18.59 14.76
CA THR A 727 4.64 -19.12 13.42
C THR A 727 5.61 -18.57 12.38
N LEU A 728 6.17 -17.39 12.61
CA LEU A 728 7.04 -16.73 11.63
C LEU A 728 8.46 -16.78 12.16
N SER A 729 9.37 -17.35 11.36
CA SER A 729 10.78 -17.43 11.72
C SER A 729 11.66 -16.50 10.91
N ARG A 730 11.27 -16.17 9.68
CA ARG A 730 12.01 -15.23 8.85
C ARG A 730 11.08 -14.67 7.78
N PHE A 731 11.39 -13.46 7.34
CA PHE A 731 10.61 -12.85 6.26
C PHE A 731 11.53 -11.97 5.44
N SER A 732 11.07 -11.67 4.23
CA SER A 732 11.83 -10.87 3.29
C SER A 732 10.88 -9.91 2.59
N THR A 733 11.44 -8.78 2.14
CA THR A 733 10.69 -7.85 1.31
C THR A 733 11.41 -7.57 0.00
N GLY A 734 12.34 -8.41 -0.42
CA GLY A 734 13.07 -8.16 -1.63
C GLY A 734 14.57 -8.36 -1.48
N PHE A 735 15.33 -7.30 -1.69
CA PHE A 735 16.78 -7.38 -1.60
C PHE A 735 17.22 -7.50 -0.15
N ASN A 736 18.51 -7.75 0.05
CA ASN A 736 19.13 -7.78 1.37
C ASN A 736 19.93 -6.51 1.62
N LEU A 737 19.42 -5.37 1.14
CA LEU A 737 20.18 -4.14 1.08
C LEU A 737 19.75 -3.16 2.17
N VAL A 738 20.71 -2.36 2.61
CA VAL A 738 20.43 -1.22 3.47
C VAL A 738 19.80 -0.12 2.63
N GLY A 739 18.80 0.56 3.19
CA GLY A 739 17.97 1.51 2.48
C GLY A 739 18.66 2.40 1.47
N SER A 740 19.77 3.00 1.85
CA SER A 740 20.45 3.91 0.94
C SER A 740 21.13 3.21 -0.20
N VAL A 741 21.52 1.95 -0.03
CA VAL A 741 22.04 1.16 -1.11
C VAL A 741 20.95 0.67 -2.06
N LEU A 742 19.72 0.51 -1.57
CA LEU A 742 18.61 0.15 -2.44
C LEU A 742 18.32 1.23 -3.48
N ASP A 743 18.75 2.46 -3.24
CA ASP A 743 18.35 3.58 -4.09
C ASP A 743 19.22 3.70 -5.32
N GLN A 744 20.21 2.82 -5.47
CA GLN A 744 20.98 2.80 -6.70
C GLN A 744 20.49 1.64 -7.55
N VAL A 745 20.11 0.54 -6.90
CA VAL A 745 19.39 -0.51 -7.59
C VAL A 745 18.12 0.01 -8.23
N LEU A 746 17.32 0.77 -7.48
CA LEU A 746 16.10 1.36 -7.99
C LEU A 746 16.33 2.28 -9.18
N ASP A 747 17.49 2.92 -9.27
CA ASP A 747 17.84 3.74 -10.41
C ASP A 747 18.35 2.93 -11.59
N TYR A 748 18.79 1.70 -11.35
CA TYR A 748 19.22 0.80 -12.41
C TYR A 748 18.08 -0.02 -12.98
N VAL A 749 16.90 0.03 -12.38
CA VAL A 749 15.73 -0.72 -12.81
C VAL A 749 14.99 0.07 -13.89
N PRO A 750 14.70 -0.51 -15.04
CA PRO A 750 13.99 0.23 -16.08
C PRO A 750 12.51 0.39 -15.75
N TRP A 751 11.91 1.42 -16.34
CA TRP A 751 10.46 1.54 -16.33
C TRP A 751 9.90 0.66 -17.43
N ILE A 752 8.93 -0.19 -17.07
CA ILE A 752 8.47 -1.23 -17.98
C ILE A 752 7.62 -0.60 -19.08
N GLY A 753 7.40 0.71 -19.00
CA GLY A 753 6.63 1.39 -19.99
C GLY A 753 7.38 1.65 -21.29
N ASN A 754 8.67 1.97 -21.19
CA ASN A 754 9.49 2.18 -22.38
C ASN A 754 10.85 1.50 -22.33
N GLY A 755 11.33 1.09 -21.17
CA GLY A 755 12.62 0.45 -21.05
C GLY A 755 13.76 1.35 -20.63
N TYR A 756 13.49 2.61 -20.29
CA TYR A 756 14.52 3.51 -19.81
C TYR A 756 14.63 3.42 -18.30
N ARG A 757 15.85 3.33 -17.79
CA ARG A 757 16.06 3.15 -16.36
C ARG A 757 15.70 4.41 -15.60
N TYR A 758 15.28 4.23 -14.34
CA TYR A 758 14.87 5.35 -13.52
C TYR A 758 16.02 6.29 -13.17
N GLY A 759 17.26 5.82 -13.29
CA GLY A 759 18.42 6.64 -12.99
C GLY A 759 18.83 7.58 -14.10
N ASN A 760 18.15 7.54 -15.25
CA ASN A 760 18.39 8.46 -16.36
C ASN A 760 19.82 8.47 -16.83
N ASN A 761 20.51 7.33 -16.72
CA ASN A 761 21.87 7.18 -17.22
C ASN A 761 22.85 8.11 -16.53
N HIS A 762 22.43 8.72 -15.42
CA HIS A 762 23.28 9.62 -14.65
C HIS A 762 24.62 8.96 -14.38
N ARG A 763 25.70 9.57 -14.86
CA ARG A 763 26.99 8.88 -14.89
C ARG A 763 27.63 8.82 -13.52
N GLY A 764 26.92 8.26 -12.55
CA GLY A 764 27.40 8.09 -11.20
C GLY A 764 28.01 9.36 -10.62
N VAL A 765 29.09 9.18 -9.84
CA VAL A 765 29.76 10.33 -9.24
C VAL A 765 30.52 11.16 -10.25
N ASP A 766 30.71 10.66 -11.47
CA ASP A 766 31.51 11.32 -12.50
C ASP A 766 30.66 12.15 -13.46
N ASP A 767 29.43 12.47 -13.09
CA ASP A 767 28.59 13.27 -13.98
C ASP A 767 28.99 14.75 -13.87
N ILE A 768 28.37 15.57 -14.72
CA ILE A 768 28.58 17.02 -14.64
C ILE A 768 27.69 17.68 -13.60
N THR A 769 26.74 16.95 -13.02
CA THR A 769 25.75 17.55 -12.14
C THR A 769 26.33 17.93 -10.79
N ALA A 770 27.65 17.91 -10.65
CA ALA A 770 28.33 18.25 -9.40
C ALA A 770 29.42 19.27 -9.67
N PRO A 771 29.89 20.01 -8.65
CA PRO A 771 30.98 20.97 -8.86
C PRO A 771 32.27 20.31 -9.34
N ARG A 789 20.64 12.83 -23.20
CA ARG A 789 21.11 11.45 -23.11
C ARG A 789 21.32 11.07 -21.65
N SER A 790 21.65 12.05 -20.82
CA SER A 790 21.87 11.85 -19.40
C SER A 790 21.16 12.96 -18.64
N PHE A 791 20.60 12.61 -17.48
CA PHE A 791 19.88 13.58 -16.67
C PHE A 791 20.14 13.26 -15.21
N LEU A 792 19.39 13.81 -14.34
CA LEU A 792 19.51 13.49 -12.93
C LEU A 792 18.79 12.19 -12.61
N PRO A 793 19.18 11.49 -11.56
CA PRO A 793 18.50 10.24 -11.19
C PRO A 793 17.27 10.50 -10.34
N THR A 794 16.40 9.48 -10.29
CA THR A 794 15.14 9.63 -9.57
C THR A 794 15.28 9.31 -8.09
N PHE A 795 16.16 8.38 -7.72
CA PHE A 795 16.19 7.91 -6.34
C PHE A 795 17.51 8.10 -5.62
N SER A 796 18.61 8.39 -6.31
CA SER A 796 19.90 8.48 -5.63
C SER A 796 20.36 9.92 -5.50
N ASN A 797 21.18 10.18 -4.48
CA ASN A 797 21.81 11.48 -4.27
C ASN A 797 23.28 11.51 -4.66
N ILE A 798 23.88 10.36 -4.96
CA ILE A 798 25.31 10.29 -5.22
C ILE A 798 25.62 11.01 -6.54
N GLY A 799 26.39 12.08 -6.47
CA GLY A 799 26.75 12.86 -7.62
C GLY A 799 25.87 14.06 -7.88
N VAL A 800 24.73 14.18 -7.19
CA VAL A 800 23.78 15.25 -7.40
C VAL A 800 24.02 16.31 -6.34
N GLY A 801 24.11 17.57 -6.76
CA GLY A 801 24.25 18.68 -5.85
C GLY A 801 25.70 18.93 -5.48
N LEU A 802 25.95 19.15 -4.19
CA LEU A 802 27.29 19.45 -3.70
C LEU A 802 27.76 18.27 -2.87
N LYS A 803 29.07 18.25 -2.59
CA LYS A 803 29.66 17.18 -1.80
C LYS A 803 29.72 17.63 -0.35
N ALA A 804 28.76 17.16 0.44
CA ALA A 804 28.64 17.59 1.83
C ALA A 804 29.53 16.74 2.74
N ASN A 805 30.35 17.41 3.54
CA ASN A 805 31.11 16.79 4.62
C ASN A 805 30.65 17.43 5.92
N VAL A 806 29.59 16.88 6.49
CA VAL A 806 28.75 17.61 7.45
C VAL A 806 29.10 17.27 8.90
N GLN A 807 28.93 18.26 9.78
CA GLN A 807 28.98 18.09 11.22
C GLN A 807 27.91 18.98 11.85
N ALA A 808 27.10 19.61 11.00
CA ALA A 808 26.16 20.68 11.35
C ALA A 808 25.36 20.43 12.62
N THR A 809 24.64 19.31 12.69
CA THR A 809 23.76 19.06 13.82
C THR A 809 24.02 17.70 14.45
N LEU A 810 23.18 17.32 15.41
CA LEU A 810 23.29 16.02 16.06
C LEU A 810 23.08 14.89 15.06
N ASN A 830 35.02 12.02 9.15
CA ASN A 830 33.62 12.41 9.26
C ASN A 830 32.76 11.62 8.28
N LEU A 831 32.13 12.34 7.35
CA LEU A 831 31.26 11.76 6.34
C LEU A 831 31.55 12.41 5.00
N GLN A 832 31.16 11.72 3.92
CA GLN A 832 31.48 12.17 2.58
C GLN A 832 30.29 12.04 1.65
N LEU A 833 29.11 12.50 2.10
CA LEU A 833 27.89 12.32 1.35
C LEU A 833 27.61 13.55 0.48
N TRP A 834 26.46 13.53 -0.18
CA TRP A 834 26.02 14.59 -1.08
C TRP A 834 24.71 15.19 -0.58
N THR A 835 24.39 16.37 -1.11
CA THR A 835 23.16 17.04 -0.72
C THR A 835 21.98 16.67 -1.61
N GLY A 836 22.21 16.44 -2.89
CA GLY A 836 21.13 16.20 -3.82
C GLY A 836 20.63 17.48 -4.44
N ALA A 837 19.49 17.37 -5.12
CA ALA A 837 18.87 18.53 -5.74
C ALA A 837 18.03 19.29 -4.71
N GLY A 838 18.16 20.61 -4.72
CA GLY A 838 17.38 21.45 -3.84
C GLY A 838 18.15 21.95 -2.63
N TRP A 839 19.46 22.14 -2.80
CA TRP A 839 20.33 22.52 -1.70
C TRP A 839 20.14 23.99 -1.36
N ARG A 840 20.33 24.32 -0.09
CA ARG A 840 20.22 25.69 0.41
C ARG A 840 21.46 26.09 1.21
N ASN A 841 22.64 25.76 0.68
CA ASN A 841 23.88 26.14 1.35
C ASN A 841 24.00 27.66 1.46
N ASP A 842 24.47 28.12 2.62
CA ASP A 842 24.93 29.48 2.74
C ASP A 842 26.27 29.62 2.02
N LYS A 843 26.53 30.81 1.52
CA LYS A 843 27.80 31.10 0.83
C LYS A 843 28.83 31.49 1.87
N ALA A 844 30.10 31.23 1.59
CA ALA A 844 31.16 31.57 2.53
C ALA A 844 31.64 33.02 2.39
N SER A 845 32.68 33.36 3.15
CA SER A 845 33.28 34.69 3.19
C SER A 845 33.36 35.43 1.85
N SER A 846 34.28 35.00 0.99
CA SER A 846 34.50 35.62 -0.31
C SER A 846 33.19 35.79 -1.08
N GLY A 847 32.49 34.68 -1.29
CA GLY A 847 31.24 34.69 -2.02
C GLY A 847 31.22 33.63 -3.11
N GLN A 848 32.37 33.00 -3.33
CA GLN A 848 32.48 31.96 -4.33
C GLN A 848 32.56 30.60 -3.66
N SER A 849 33.17 30.57 -2.47
CA SER A 849 33.28 29.33 -1.72
C SER A 849 31.96 29.06 -1.02
N ASP A 850 31.59 27.79 -0.94
CA ASP A 850 30.33 27.44 -0.31
C ASP A 850 30.50 26.72 1.02
N GLU A 851 29.62 27.04 1.95
CA GLU A 851 29.64 26.43 3.27
C GLU A 851 28.96 25.06 3.21
N ASN A 852 29.15 24.28 4.28
N ASN A 852 29.19 24.26 4.25
CA ASN A 852 28.59 22.94 4.41
CA ASN A 852 28.55 22.96 4.33
C ASN A 852 27.30 22.91 5.18
C ASN A 852 27.37 22.94 5.28
N HIS A 853 26.64 24.04 5.37
CA HIS A 853 25.46 24.11 6.22
C HIS A 853 24.59 25.28 5.77
N THR A 854 23.49 25.49 6.48
CA THR A 854 22.63 26.64 6.34
C THR A 854 22.53 27.34 7.69
N LYS A 855 22.73 28.65 7.68
CA LYS A 855 22.68 29.41 8.91
C LYS A 855 21.25 29.63 9.36
N PHE A 856 21.00 29.38 10.65
CA PHE A 856 19.72 29.66 11.26
C PHE A 856 19.24 31.08 11.03
N THR A 857 20.17 32.04 10.88
CA THR A 857 19.77 33.42 10.64
C THR A 857 19.20 33.58 9.24
N SER A 858 19.65 32.74 8.30
CA SER A 858 19.13 32.79 6.94
C SER A 858 17.82 32.03 6.82
N ALA A 859 17.73 30.87 7.48
CA ALA A 859 16.60 29.98 7.27
C ALA A 859 15.31 30.54 7.86
N THR A 860 15.41 31.40 8.88
CA THR A 860 14.24 31.97 9.54
C THR A 860 14.27 33.49 9.31
N GLY A 861 13.43 33.96 8.40
CA GLY A 861 13.33 35.37 8.11
C GLY A 861 11.92 35.80 7.82
N MET A 862 11.50 36.96 8.34
CA MET A 862 10.14 37.45 8.11
C MET A 862 10.10 38.35 6.90
N ASP A 863 10.28 37.78 5.71
CA ASP A 863 10.23 38.53 4.46
C ASP A 863 10.08 37.58 3.28
N THR A 870 3.25 35.14 7.73
CA THR A 870 3.25 35.28 6.28
C THR A 870 4.47 34.61 5.67
N SER A 871 5.65 35.14 5.99
CA SER A 871 6.93 34.60 5.53
C SER A 871 6.97 33.10 5.79
N ALA A 872 7.41 32.33 4.80
CA ALA A 872 7.42 30.88 4.93
C ALA A 872 8.46 30.42 5.94
N GLY A 873 9.36 31.29 6.37
CA GLY A 873 10.36 30.90 7.35
C GLY A 873 9.89 31.03 8.77
N ASN A 874 8.93 31.91 9.03
CA ASN A 874 8.48 32.17 10.38
C ASN A 874 6.99 32.49 10.39
N PRO A 875 6.12 31.58 9.95
CA PRO A 875 4.70 31.92 9.81
C PRO A 875 3.99 32.15 11.13
N ASP A 876 4.56 31.73 12.25
CA ASP A 876 3.90 31.86 13.55
C ASP A 876 4.59 32.86 14.46
N SER A 877 5.58 33.59 13.96
CA SER A 877 6.23 34.69 14.69
C SER A 877 6.95 34.18 15.93
N LEU A 878 7.71 33.10 15.74
CA LEU A 878 8.57 32.57 16.79
C LEU A 878 9.74 33.51 17.03
N LYS A 879 10.37 33.36 18.19
CA LYS A 879 11.52 34.16 18.57
C LYS A 879 12.58 33.23 19.15
N GLN A 880 13.79 33.75 19.32
CA GLN A 880 14.87 32.95 19.86
C GLN A 880 14.78 32.92 21.39
N ASP A 881 15.60 32.07 21.99
CA ASP A 881 15.73 31.94 23.43
C ASP A 881 17.15 31.50 23.72
N ASN A 882 17.48 31.44 25.01
CA ASN A 882 18.73 30.85 25.46
C ASN A 882 18.62 30.62 26.96
N ILE A 883 19.47 29.75 27.50
CA ILE A 883 19.39 29.36 28.90
C ILE A 883 20.76 29.57 29.53
N SER A 884 20.78 30.36 30.61
CA SER A 884 21.99 30.64 31.35
C SER A 884 22.37 29.41 32.14
N LYS A 885 23.64 29.00 32.03
CA LYS A 885 24.07 27.69 32.50
C LYS A 885 24.02 27.61 34.02
N SER A 886 22.84 27.33 34.54
CA SER A 886 22.71 26.72 35.86
C SER A 886 21.41 25.92 35.91
N GLY A 887 20.68 25.91 34.80
CA GLY A 887 19.36 25.31 34.73
C GLY A 887 18.27 26.36 34.80
N ASP A 888 18.66 27.55 35.24
CA ASP A 888 17.78 28.67 35.51
C ASP A 888 17.60 29.61 34.32
N SER A 889 17.32 30.87 34.64
CA SER A 889 16.57 31.84 33.85
C SER A 889 16.61 31.73 32.33
N LEU A 890 15.41 31.73 31.78
CA LEU A 890 15.00 31.82 30.38
C LEU A 890 14.68 33.25 29.98
N THR A 891 13.72 33.34 29.06
CA THR A 891 12.79 34.45 28.82
C THR A 891 13.11 35.53 27.79
N THR A 892 14.29 35.53 27.16
CA THR A 892 14.49 36.04 25.79
C THR A 892 15.98 36.02 25.48
N GLN A 893 16.35 36.06 24.19
CA GLN A 893 17.56 36.72 23.70
C GLN A 893 17.75 36.50 22.21
N ASP A 894 18.71 37.21 21.63
CA ASP A 894 19.23 36.85 20.31
C ASP A 894 20.17 35.66 20.41
N GLY A 895 20.46 35.24 21.64
CA GLY A 895 21.31 34.10 21.90
C GLY A 895 22.80 34.37 21.89
N ASN A 896 23.25 35.23 22.79
CA ASN A 896 24.67 35.54 22.89
C ASN A 896 25.43 34.27 23.23
N ALA A 897 26.51 34.01 22.50
CA ALA A 897 27.31 32.81 22.73
C ALA A 897 28.52 33.06 23.63
N ILE A 898 28.27 33.48 24.87
CA ILE A 898 29.34 33.71 25.83
C ILE A 898 29.00 33.04 27.16
N ASP A 899 28.09 33.65 27.93
CA ASP A 899 27.69 33.08 29.20
C ASP A 899 26.34 32.39 29.05
N GLN A 900 25.49 32.96 28.21
CA GLN A 900 24.18 32.38 27.94
C GLN A 900 24.34 31.24 26.93
N GLN A 901 25.41 31.34 26.13
CA GLN A 901 25.84 30.40 25.09
C GLN A 901 24.81 29.41 24.55
N GLU A 902 24.51 28.41 25.37
CA GLU A 902 23.55 27.39 25.01
C GLU A 902 22.23 28.03 24.59
N ALA A 903 22.05 28.16 23.28
CA ALA A 903 20.81 28.69 22.74
C ALA A 903 19.89 27.51 22.48
N THR A 904 18.58 27.73 22.56
CA THR A 904 17.62 26.64 22.43
C THR A 904 17.61 26.06 21.02
N ASN A 905 17.88 26.88 20.02
CA ASN A 905 17.83 26.43 18.64
C ASN A 905 19.21 25.91 18.20
N TYR A 906 19.27 25.48 16.95
CA TYR A 906 20.53 25.07 16.33
C TYR A 906 21.20 26.27 15.69
N THR A 907 22.44 26.12 15.29
CA THR A 907 23.17 27.18 14.61
C THR A 907 23.47 26.85 13.17
N ASN A 908 23.79 25.60 12.86
CA ASN A 908 24.07 25.15 11.50
C ASN A 908 23.06 24.07 11.15
N LEU A 909 22.24 24.34 10.16
CA LEU A 909 21.22 23.41 9.72
C LEU A 909 21.68 22.68 8.47
N PRO A 910 21.17 21.48 8.21
CA PRO A 910 21.55 20.76 7.00
C PRO A 910 21.08 21.53 5.77
N PRO A 911 21.87 21.52 4.70
CA PRO A 911 21.53 22.35 3.55
C PRO A 911 20.54 21.70 2.59
N ASN A 912 19.49 21.09 3.12
CA ASN A 912 18.46 20.49 2.28
C ASN A 912 17.23 20.09 3.08
N LEU A 913 16.04 20.50 2.63
CA LEU A 913 14.80 19.94 3.15
C LEU A 913 13.79 19.69 2.04
N THR A 914 14.26 19.37 0.84
CA THR A 914 13.44 19.06 -0.32
C THR A 914 12.98 17.60 -0.22
N PRO A 915 12.17 17.10 -1.15
CA PRO A 915 11.79 15.67 -1.08
C PRO A 915 12.97 14.71 -1.19
N THR A 916 14.15 15.19 -1.56
CA THR A 916 15.31 14.33 -1.72
C THR A 916 16.26 14.37 -0.53
N ALA A 917 15.89 15.04 0.56
CA ALA A 917 16.76 15.16 1.71
C ALA A 917 17.00 13.79 2.34
N ASP A 918 18.26 13.47 2.59
CA ASP A 918 18.63 12.18 3.21
C ASP A 918 19.92 12.43 4.01
N TRP A 919 19.77 12.65 5.30
CA TRP A 919 20.90 12.94 6.18
C TRP A 919 21.05 11.84 7.21
N PRO A 920 22.04 10.95 7.07
CA PRO A 920 22.21 9.89 8.07
C PRO A 920 22.51 10.40 9.46
N ASN A 921 22.90 11.67 9.61
CA ASN A 921 23.23 12.23 10.90
C ASN A 921 22.24 13.28 11.39
N ALA A 922 21.05 13.36 10.80
CA ALA A 922 20.02 14.30 11.26
C ALA A 922 18.66 13.73 10.82
N LEU A 923 17.94 13.15 11.77
CA LEU A 923 16.66 12.52 11.43
C LEU A 923 15.59 13.57 11.14
N SER A 924 15.66 14.73 11.80
CA SER A 924 14.62 15.73 11.64
C SER A 924 14.65 16.42 10.29
N PHE A 925 15.73 16.26 9.52
CA PHE A 925 15.86 16.91 8.23
C PHE A 925 15.82 15.90 7.08
N THR A 926 15.58 14.63 7.37
CA THR A 926 15.53 13.60 6.35
C THR A 926 14.10 13.39 5.86
N ASN A 927 13.96 13.12 4.57
CA ASN A 927 12.67 12.81 3.98
C ASN A 927 12.55 11.37 3.48
N LYS A 928 13.60 10.84 2.90
CA LYS A 928 13.58 9.46 2.44
C LYS A 928 13.61 8.50 3.63
N ASN A 929 12.80 7.44 3.54
CA ASN A 929 12.75 6.44 4.60
C ASN A 929 12.30 5.12 4.02
N ASN A 930 12.54 4.05 4.78
CA ASN A 930 12.34 2.69 4.26
C ASN A 930 10.87 2.41 3.96
N ALA A 931 9.96 2.89 4.81
CA ALA A 931 8.54 2.65 4.59
C ALA A 931 8.10 3.17 3.22
N GLN A 932 8.79 4.18 2.70
CA GLN A 932 8.48 4.73 1.39
C GLN A 932 9.32 4.07 0.31
N ARG A 933 10.52 3.59 0.66
CA ARG A 933 11.36 2.92 -0.33
C ARG A 933 10.75 1.59 -0.77
N ALA A 934 10.12 0.87 0.16
CA ALA A 934 9.44 -0.37 -0.21
C ALA A 934 8.28 -0.11 -1.16
N GLN A 935 7.46 0.90 -0.85
CA GLN A 935 6.34 1.23 -1.71
C GLN A 935 6.82 1.70 -3.08
N LEU A 936 7.91 2.46 -3.12
CA LEU A 936 8.42 2.94 -4.39
C LEU A 936 8.99 1.80 -5.22
N PHE A 937 9.62 0.82 -4.56
CA PHE A 937 10.08 -0.36 -5.28
C PHE A 937 8.91 -1.11 -5.90
N LEU A 938 7.87 -1.38 -5.12
CA LEU A 938 6.73 -2.12 -5.66
C LEU A 938 6.06 -1.36 -6.80
N ARG A 939 5.70 -0.09 -6.56
CA ARG A 939 5.02 0.69 -7.59
C ARG A 939 5.94 1.00 -8.77
N GLY A 940 7.24 0.84 -8.61
CA GLY A 940 8.12 1.02 -9.75
C GLY A 940 8.24 -0.24 -10.58
N LEU A 941 8.06 -1.40 -9.95
CA LEU A 941 7.91 -2.63 -10.73
C LEU A 941 6.57 -2.66 -11.44
N LEU A 942 5.54 -2.07 -10.84
CA LEU A 942 4.24 -1.99 -11.50
C LEU A 942 4.20 -0.87 -12.54
N GLY A 943 5.11 0.08 -12.48
CA GLY A 943 5.12 1.18 -13.42
C GLY A 943 4.05 2.22 -13.21
N SER A 944 3.71 2.53 -11.96
CA SER A 944 2.58 3.39 -11.66
C SER A 944 2.89 4.40 -10.56
N ILE A 945 4.04 5.06 -10.61
CA ILE A 945 4.35 6.11 -9.65
C ILE A 945 3.74 7.42 -10.15
N PRO A 946 2.90 8.08 -9.36
CA PRO A 946 2.28 9.32 -9.83
C PRO A 946 3.29 10.44 -9.94
N VAL A 947 3.09 11.29 -10.95
CA VAL A 947 3.99 12.39 -11.25
C VAL A 947 3.19 13.68 -11.22
N LEU A 948 3.85 14.79 -10.91
CA LEU A 948 3.21 16.09 -10.84
C LEU A 948 3.46 16.86 -12.12
N VAL A 949 2.39 17.40 -12.71
CA VAL A 949 2.46 18.10 -13.99
C VAL A 949 1.55 19.32 -13.95
N ASN A 950 1.98 20.39 -14.60
CA ASN A 950 1.11 21.55 -14.78
C ASN A 950 1.04 21.99 -16.24
N ARG A 951 1.73 21.29 -17.14
CA ARG A 951 1.61 21.53 -18.57
C ARG A 951 0.91 20.33 -19.20
N SER A 952 -0.24 20.59 -19.84
CA SER A 952 -1.04 19.49 -20.38
C SER A 952 -0.38 18.80 -21.56
N GLY A 953 0.67 19.38 -22.13
CA GLY A 953 1.31 18.79 -23.28
C GLY A 953 0.55 18.96 -24.57
N SER A 954 -0.64 19.54 -24.53
CA SER A 954 -1.43 19.79 -25.73
C SER A 954 -1.02 21.10 -26.37
N ASP A 955 -1.66 21.40 -27.50
CA ASP A 955 -1.39 22.63 -28.24
C ASP A 955 -1.56 23.84 -27.34
N SER A 956 -0.56 24.72 -27.34
CA SER A 956 -0.52 25.96 -26.57
C SER A 956 -0.20 25.73 -25.09
N ASN A 957 -0.02 24.47 -24.70
CA ASN A 957 0.36 24.16 -23.32
C ASN A 957 1.41 23.06 -23.28
N LYS A 958 2.42 23.16 -24.13
CA LYS A 958 3.44 22.13 -24.22
C LYS A 958 4.67 22.49 -23.40
N PHE A 959 5.29 21.46 -22.84
CA PHE A 959 6.50 21.59 -22.06
C PHE A 959 7.71 21.42 -22.98
N GLN A 960 8.29 22.54 -23.41
CA GLN A 960 9.34 22.54 -24.42
C GLN A 960 10.61 21.92 -23.85
N ALA A 961 11.54 21.58 -24.75
CA ALA A 961 12.77 20.92 -24.32
C ALA A 961 13.72 21.89 -23.64
N THR A 962 13.72 23.16 -24.07
CA THR A 962 14.60 24.15 -23.45
C THR A 962 14.07 24.64 -22.12
N ASP A 963 12.89 24.16 -21.70
CA ASP A 963 12.31 24.53 -20.42
C ASP A 963 13.03 23.90 -19.23
N GLN A 964 13.91 22.92 -19.48
CA GLN A 964 14.57 22.18 -18.42
C GLN A 964 16.08 22.17 -18.65
N LYS A 965 16.84 22.41 -17.58
CA LYS A 965 18.29 22.31 -17.60
C LYS A 965 18.74 21.45 -16.43
N TRP A 966 19.89 20.80 -16.60
N TRP A 966 19.87 20.76 -16.61
CA TRP A 966 20.42 19.85 -15.62
CA TRP A 966 20.40 19.88 -15.57
C TRP A 966 21.90 20.04 -15.33
C TRP A 966 21.89 20.05 -15.33
N SER A 967 22.63 20.67 -16.24
CA SER A 967 24.06 20.88 -16.04
C SER A 967 24.31 21.74 -14.81
N TYR A 968 25.13 21.22 -13.89
CA TYR A 968 25.36 21.95 -12.65
C TYR A 968 25.96 23.32 -12.90
N THR A 969 26.69 23.48 -14.02
CA THR A 969 27.17 24.80 -14.40
C THR A 969 26.04 25.83 -14.40
N ASP A 970 24.88 25.45 -14.93
CA ASP A 970 23.74 26.36 -14.95
C ASP A 970 22.97 26.33 -13.64
N LEU A 971 22.94 25.17 -12.98
CA LEU A 971 22.14 25.01 -11.77
C LEU A 971 22.71 25.80 -10.60
N HIS A 972 24.04 25.87 -10.51
CA HIS A 972 24.67 26.62 -9.43
C HIS A 972 24.33 28.10 -9.54
N SER A 973 24.10 28.60 -10.76
CA SER A 973 23.77 30.01 -10.93
C SER A 973 22.26 30.24 -10.83
N ASP A 974 21.45 29.20 -11.09
CA ASP A 974 20.00 29.31 -10.98
C ASP A 974 19.46 27.90 -10.74
N GLN A 975 18.74 27.74 -9.62
CA GLN A 975 18.24 26.42 -9.27
C GLN A 975 16.81 26.18 -9.71
N THR A 976 16.09 27.22 -10.14
CA THR A 976 14.74 27.01 -10.65
C THR A 976 14.74 26.49 -12.07
N LYS A 977 15.91 26.34 -12.68
CA LYS A 977 15.99 25.70 -13.99
C LYS A 977 15.81 24.19 -13.91
N LEU A 978 15.81 23.62 -12.71
CA LEU A 978 15.59 22.20 -12.56
C LEU A 978 14.11 21.87 -12.48
N ASN A 979 13.28 22.85 -12.16
CA ASN A 979 11.83 22.68 -12.08
C ASN A 979 11.42 21.74 -10.95
N LEU A 980 12.23 21.65 -9.91
CA LEU A 980 11.84 20.90 -8.73
C LEU A 980 10.68 21.58 -8.04
N PRO A 981 9.51 20.95 -7.94
CA PRO A 981 8.35 21.61 -7.35
C PRO A 981 8.50 21.86 -5.86
N ALA A 982 8.99 20.85 -5.14
CA ALA A 982 9.14 20.87 -3.68
C ALA A 982 7.81 21.09 -2.98
N TYR A 983 6.71 20.90 -3.71
CA TYR A 983 5.38 20.89 -3.12
C TYR A 983 4.39 20.14 -4.00
N GLY A 984 3.80 19.07 -3.47
CA GLY A 984 2.68 18.42 -4.11
C GLY A 984 2.97 17.03 -4.66
N GLU A 985 4.23 16.68 -4.86
CA GLU A 985 4.56 15.43 -5.53
C GLU A 985 4.73 14.30 -4.51
N VAL A 986 5.23 13.18 -4.99
CA VAL A 986 5.53 12.03 -4.14
C VAL A 986 6.79 12.33 -3.34
N ASN A 987 6.79 11.96 -2.06
CA ASN A 987 7.98 12.08 -1.25
C ASN A 987 9.01 11.03 -1.65
N GLY A 988 10.28 11.40 -1.59
CA GLY A 988 11.35 10.44 -1.75
C GLY A 988 12.00 10.37 -3.10
N LEU A 989 11.56 11.18 -4.06
CA LEU A 989 12.09 11.09 -5.41
C LEU A 989 12.30 12.49 -5.97
N LEU A 990 12.96 12.54 -7.12
CA LEU A 990 13.16 13.78 -7.86
C LEU A 990 12.11 13.82 -8.97
N ASN A 991 11.16 14.72 -8.84
CA ASN A 991 10.04 14.79 -9.78
C ASN A 991 10.47 15.11 -11.21
N PRO A 992 11.34 16.09 -11.46
CA PRO A 992 11.81 16.27 -12.84
C PRO A 992 12.48 15.04 -13.41
N ALA A 993 13.15 14.24 -12.60
CA ALA A 993 13.76 13.01 -13.08
C ALA A 993 12.71 11.99 -13.48
N LEU A 994 11.60 11.91 -12.74
CA LEU A 994 10.54 10.99 -13.12
C LEU A 994 9.81 11.48 -14.36
N VAL A 995 9.62 12.78 -14.50
CA VAL A 995 9.08 13.33 -15.74
C VAL A 995 9.98 12.96 -16.91
N GLU A 996 11.29 13.03 -16.69
CA GLU A 996 12.23 12.72 -17.76
C GLU A 996 12.22 11.23 -18.10
N THR A 997 12.01 10.37 -17.10
CA THR A 997 11.94 8.95 -17.37
C THR A 997 10.66 8.60 -18.15
N TYR A 998 9.52 9.11 -17.67
CA TYR A 998 8.25 8.78 -18.32
C TYR A 998 8.18 9.37 -19.73
N PHE A 999 8.27 10.70 -19.83
CA PHE A 999 7.94 11.37 -21.08
C PHE A 999 9.16 11.76 -21.92
N GLY A 1000 10.35 11.77 -21.34
CA GLY A 1000 11.57 11.88 -22.12
C GLY A 1000 11.72 13.10 -22.99
N ASN A 1001 11.63 14.29 -22.40
CA ASN A 1001 11.76 15.51 -23.18
C ASN A 1001 13.22 15.83 -23.49
N THR A 1002 14.11 15.53 -22.55
CA THR A 1002 15.53 15.82 -22.76
C THR A 1002 16.12 14.94 -23.85
N ARG A 1003 15.72 13.67 -23.90
CA ARG A 1003 16.23 12.79 -24.95
C ARG A 1003 15.46 12.97 -26.24
N ALA A 1004 14.32 13.69 -26.18
CA ALA A 1004 13.60 14.01 -27.40
C ALA A 1004 14.16 15.26 -28.08
N GLY A 1005 14.56 16.26 -27.30
CA GLY A 1005 15.06 17.50 -27.87
C GLY A 1005 16.53 17.46 -28.22
N GLY A 1006 17.00 16.32 -28.73
CA GLY A 1006 18.38 16.20 -29.14
C GLY A 1006 18.55 15.60 -30.52
N SER A 1007 17.47 15.60 -31.30
CA SER A 1007 17.49 15.03 -32.64
C SER A 1007 16.28 15.51 -33.42
N GLY A 1008 16.41 15.52 -34.73
CA GLY A 1008 15.32 15.92 -35.61
C GLY A 1008 14.32 14.79 -35.83
N SER A 1009 14.77 13.56 -35.63
CA SER A 1009 13.92 12.39 -35.77
C SER A 1009 12.78 12.43 -34.75
N ASN A 1010 11.56 12.12 -35.22
CA ASN A 1010 10.36 12.06 -34.39
C ASN A 1010 9.92 13.44 -33.90
N THR A 1011 10.62 14.49 -34.36
CA THR A 1011 10.30 15.91 -34.11
C THR A 1011 9.76 16.16 -32.71
N THR A 1012 10.55 15.82 -31.69
CA THR A 1012 10.12 15.88 -30.30
C THR A 1012 8.81 15.11 -30.10
N SER A 1013 8.88 13.80 -30.35
CA SER A 1013 7.72 12.93 -30.22
C SER A 1013 7.21 12.85 -28.79
N SER A 1014 7.94 13.40 -27.82
CA SER A 1014 7.42 13.48 -26.46
C SER A 1014 6.09 14.21 -26.46
N PRO A 1015 5.14 13.76 -25.63
CA PRO A 1015 3.83 14.43 -25.60
C PRO A 1015 3.87 15.82 -24.99
N GLY A 1016 5.04 16.27 -24.51
CA GLY A 1016 5.16 17.61 -23.99
C GLY A 1016 4.55 17.83 -22.63
N ILE A 1017 4.37 16.78 -21.84
CA ILE A 1017 3.85 16.91 -20.49
C ILE A 1017 5.02 17.12 -19.54
N GLY A 1018 4.76 17.76 -18.41
CA GLY A 1018 5.81 17.99 -17.43
C GLY A 1018 5.39 19.08 -16.47
N PHE A 1019 6.39 19.55 -15.72
CA PHE A 1019 6.21 20.61 -14.74
C PHE A 1019 7.27 21.68 -14.97
N LYS A 1020 6.82 22.93 -15.07
CA LYS A 1020 7.73 24.07 -15.17
C LYS A 1020 7.34 25.14 -14.16
N ILE A 1021 8.33 25.64 -13.44
CA ILE A 1021 8.13 26.62 -12.37
C ILE A 1021 7.44 27.86 -12.93
N PRO A 1022 6.45 28.42 -12.25
CA PRO A 1022 5.68 29.52 -12.83
C PRO A 1022 6.42 30.85 -12.81
N GLU A 1023 6.08 31.70 -13.76
CA GLU A 1023 6.72 33.01 -13.94
C GLU A 1023 5.89 34.13 -13.31
N GLN A 1024 6.28 35.37 -13.64
CA GLN A 1024 6.02 36.58 -12.87
C GLN A 1024 4.65 36.66 -12.19
N ASN A 1025 3.57 36.34 -12.90
CA ASN A 1025 2.23 36.43 -12.32
C ASN A 1025 1.38 35.21 -12.61
N ASN A 1026 1.98 34.11 -13.05
CA ASN A 1026 1.22 32.88 -13.22
C ASN A 1026 1.32 32.03 -11.96
N ASP A 1027 0.21 31.43 -11.58
CA ASP A 1027 0.19 30.44 -10.52
C ASP A 1027 0.35 29.06 -11.13
N SER A 1028 0.90 28.13 -10.34
CA SER A 1028 1.00 26.74 -10.75
C SER A 1028 -0.23 26.01 -10.25
N LYS A 1029 -1.06 25.56 -11.18
CA LYS A 1029 -2.20 24.71 -10.88
C LYS A 1029 -1.89 23.33 -11.43
N ALA A 1030 -1.32 22.48 -10.58
CA ALA A 1030 -0.84 21.18 -11.00
C ALA A 1030 -1.66 20.06 -10.36
N THR A 1031 -1.53 18.88 -10.94
CA THR A 1031 -2.23 17.70 -10.45
C THR A 1031 -1.32 16.49 -10.64
N LEU A 1032 -1.57 15.45 -9.87
CA LEU A 1032 -0.84 14.21 -10.03
C LEU A 1032 -1.53 13.33 -11.06
N ILE A 1033 -0.74 12.65 -11.88
CA ILE A 1033 -1.27 11.75 -12.90
C ILE A 1033 -0.44 10.47 -12.91
N THR A 1034 -1.04 9.43 -13.45
CA THR A 1034 -0.36 8.17 -13.66
C THR A 1034 -0.04 7.99 -15.15
N PRO A 1035 1.07 7.32 -15.47
CA PRO A 1035 1.45 7.18 -16.88
C PRO A 1035 0.47 6.38 -17.74
N GLY A 1036 -0.39 5.57 -17.14
CA GLY A 1036 -1.45 4.90 -17.89
C GLY A 1036 -1.44 3.39 -17.87
N LEU A 1037 -0.40 2.76 -17.32
CA LEU A 1037 -0.34 1.31 -17.27
C LEU A 1037 -1.39 0.76 -16.32
N ALA A 1038 -1.83 -0.48 -16.57
CA ALA A 1038 -2.95 -1.06 -15.84
C ALA A 1038 -2.55 -2.27 -15.01
N TRP A 1039 -1.29 -2.38 -14.61
CA TRP A 1039 -0.87 -3.40 -13.67
C TRP A 1039 -1.14 -2.95 -12.24
N THR A 1040 -1.85 -3.78 -11.50
CA THR A 1040 -2.16 -3.50 -10.10
C THR A 1040 -1.27 -4.33 -9.19
N PRO A 1041 -1.26 -4.05 -7.88
CA PRO A 1041 -0.46 -4.87 -6.96
C PRO A 1041 -1.11 -6.20 -6.62
N GLN A 1042 -2.29 -6.50 -7.15
CA GLN A 1042 -2.90 -7.82 -7.00
C GLN A 1042 -2.60 -8.74 -8.17
N ASP A 1043 -1.72 -8.34 -9.08
CA ASP A 1043 -1.33 -9.15 -10.22
C ASP A 1043 -0.18 -10.06 -9.82
N VAL A 1044 -0.51 -11.06 -9.01
CA VAL A 1044 0.47 -11.99 -8.44
C VAL A 1044 0.23 -13.35 -9.07
N GLY A 1045 1.29 -13.94 -9.62
CA GLY A 1045 1.21 -15.26 -10.20
C GLY A 1045 1.39 -16.35 -9.15
N ASN A 1046 1.55 -17.57 -9.64
CA ASN A 1046 1.70 -18.70 -8.74
C ASN A 1046 3.15 -18.89 -8.33
N LEU A 1047 3.36 -19.55 -7.20
CA LEU A 1047 4.70 -19.71 -6.64
C LEU A 1047 5.33 -20.99 -7.15
N VAL A 1048 6.49 -20.86 -7.80
CA VAL A 1048 7.23 -22.00 -8.31
C VAL A 1048 8.55 -22.10 -7.57
N VAL A 1049 9.12 -23.31 -7.54
CA VAL A 1049 10.36 -23.58 -6.84
C VAL A 1049 11.36 -24.17 -7.84
N SER A 1050 12.62 -23.80 -7.67
CA SER A 1050 13.69 -24.27 -8.55
C SER A 1050 14.98 -24.24 -7.74
N GLY A 1051 15.42 -25.41 -7.28
CA GLY A 1051 16.55 -25.47 -6.39
C GLY A 1051 16.19 -25.00 -5.00
N THR A 1052 16.95 -24.04 -4.48
CA THR A 1052 16.68 -23.41 -3.20
C THR A 1052 16.13 -22.00 -3.35
N THR A 1053 15.52 -21.70 -4.50
CA THR A 1053 14.99 -20.38 -4.77
C THR A 1053 13.48 -20.46 -5.00
N VAL A 1054 12.79 -19.37 -4.70
CA VAL A 1054 11.37 -19.24 -4.99
C VAL A 1054 11.21 -18.10 -5.98
N SER A 1055 10.17 -18.19 -6.81
CA SER A 1055 9.91 -17.18 -7.82
C SER A 1055 8.43 -17.15 -8.17
N PHE A 1056 7.94 -15.96 -8.52
CA PHE A 1056 6.59 -15.83 -9.02
C PHE A 1056 6.53 -14.62 -9.94
N GLN A 1057 5.45 -14.52 -10.70
CA GLN A 1057 5.23 -13.39 -11.59
C GLN A 1057 4.58 -12.26 -10.82
N LEU A 1058 5.09 -11.05 -10.98
CA LEU A 1058 4.56 -9.85 -10.33
C LEU A 1058 4.33 -8.81 -11.42
N GLY A 1059 3.09 -8.65 -11.86
CA GLY A 1059 2.83 -7.78 -12.98
C GLY A 1059 3.58 -8.25 -14.19
N GLY A 1060 4.45 -7.40 -14.71
CA GLY A 1060 5.28 -7.77 -15.83
C GLY A 1060 6.66 -8.27 -15.48
N TRP A 1061 6.96 -8.45 -14.20
CA TRP A 1061 8.30 -8.83 -13.75
C TRP A 1061 8.27 -10.23 -13.15
N LEU A 1062 9.25 -11.04 -13.50
CA LEU A 1062 9.45 -12.34 -12.86
C LEU A 1062 10.50 -12.15 -11.77
N VAL A 1063 10.06 -12.19 -10.52
CA VAL A 1063 10.93 -12.02 -9.37
C VAL A 1063 11.49 -13.38 -9.00
N THR A 1064 12.59 -13.40 -8.24
CA THR A 1064 13.17 -14.65 -7.75
C THR A 1064 13.95 -14.38 -6.48
N PHE A 1065 13.41 -14.85 -5.35
CA PHE A 1065 14.08 -14.72 -4.05
C PHE A 1065 15.20 -15.74 -4.00
N THR A 1066 16.42 -15.31 -4.33
CA THR A 1066 17.51 -16.25 -4.45
C THR A 1066 18.25 -16.50 -3.15
N ASP A 1067 18.19 -15.59 -2.20
CA ASP A 1067 18.97 -15.69 -0.98
C ASP A 1067 18.08 -15.50 0.24
N PHE A 1068 16.94 -16.20 0.25
CA PHE A 1068 16.02 -16.14 1.37
C PHE A 1068 15.99 -17.46 2.14
N VAL A 1069 16.13 -18.59 1.44
CA VAL A 1069 16.17 -19.88 2.14
C VAL A 1069 17.56 -20.13 2.69
N LYS A 1070 18.58 -20.04 1.83
CA LYS A 1070 19.97 -20.16 2.24
C LYS A 1070 20.65 -18.83 1.91
N PRO A 1071 20.61 -17.88 2.84
CA PRO A 1071 21.18 -16.56 2.56
C PRO A 1071 22.67 -16.62 2.28
N ARG A 1072 23.04 -16.27 1.06
CA ARG A 1072 24.43 -16.11 0.66
C ARG A 1072 24.84 -14.65 0.85
N ALA A 1073 25.48 -14.36 1.97
CA ALA A 1073 25.87 -12.98 2.27
C ALA A 1073 26.81 -12.45 1.20
N GLY A 1074 26.73 -11.14 0.96
CA GLY A 1074 27.48 -10.52 -0.10
C GLY A 1074 26.81 -10.52 -1.46
N TYR A 1075 25.56 -10.99 -1.52
CA TYR A 1075 24.77 -10.98 -2.75
C TYR A 1075 23.61 -10.01 -2.59
N LEU A 1076 23.10 -9.51 -3.73
CA LEU A 1076 21.91 -8.66 -3.70
C LEU A 1076 20.76 -9.33 -2.98
N GLY A 1077 20.42 -10.55 -3.38
CA GLY A 1077 19.31 -11.27 -2.82
C GLY A 1077 18.16 -11.51 -3.79
N LEU A 1078 18.08 -10.74 -4.86
CA LEU A 1078 16.98 -10.85 -5.81
C LEU A 1078 17.50 -10.94 -7.22
N GLN A 1079 16.62 -11.41 -8.11
CA GLN A 1079 16.81 -11.33 -9.55
C GLN A 1079 15.50 -10.93 -10.19
N LEU A 1080 15.57 -10.05 -11.18
CA LEU A 1080 14.38 -9.53 -11.84
C LEU A 1080 14.50 -9.79 -13.33
N THR A 1081 13.41 -10.23 -13.94
CA THR A 1081 13.29 -10.33 -15.38
C THR A 1081 11.93 -9.73 -15.75
N GLY A 1082 11.94 -8.81 -16.70
CA GLY A 1082 10.72 -8.13 -17.06
C GLY A 1082 10.34 -8.33 -18.52
N LEU A 1083 9.17 -7.82 -18.89
CA LEU A 1083 8.77 -7.83 -20.30
C LEU A 1083 9.46 -6.68 -21.02
N ASP A 1084 9.88 -6.94 -22.24
CA ASP A 1084 10.70 -6.01 -23.03
C ASP A 1084 9.77 -5.13 -23.86
N ALA A 1085 9.74 -3.83 -23.55
CA ALA A 1085 8.88 -2.92 -24.29
C ALA A 1085 9.45 -2.55 -25.64
N SER A 1086 10.63 -3.06 -26.00
CA SER A 1086 11.17 -2.82 -27.33
C SER A 1086 10.77 -3.92 -28.30
N ASP A 1087 10.12 -4.98 -27.82
CA ASP A 1087 9.53 -5.99 -28.67
C ASP A 1087 8.06 -5.69 -28.86
N ALA A 1088 7.56 -5.85 -30.09
CA ALA A 1088 6.22 -5.38 -30.41
C ALA A 1088 5.15 -6.15 -29.65
N THR A 1089 5.27 -7.46 -29.57
CA THR A 1089 4.25 -8.26 -28.89
C THR A 1089 4.29 -8.02 -27.38
N GLN A 1090 5.48 -8.03 -26.80
CA GLN A 1090 5.60 -7.73 -25.38
C GLN A 1090 5.16 -6.30 -25.07
N ARG A 1091 5.43 -5.36 -25.99
CA ARG A 1091 4.96 -4.00 -25.78
C ARG A 1091 3.45 -3.92 -25.80
N ALA A 1092 2.82 -4.67 -26.72
CA ALA A 1092 1.36 -4.72 -26.74
C ALA A 1092 0.82 -5.35 -25.46
N LEU A 1093 1.56 -6.28 -24.88
CA LEU A 1093 1.12 -6.90 -23.63
C LEU A 1093 1.27 -5.95 -22.46
N ILE A 1094 2.34 -5.13 -22.45
CA ILE A 1094 2.58 -4.20 -21.37
C ILE A 1094 1.49 -3.14 -21.32
N TRP A 1095 1.15 -2.57 -22.46
CA TRP A 1095 0.19 -1.48 -22.54
C TRP A 1095 -1.24 -1.97 -22.78
N ALA A 1096 -1.57 -3.17 -22.33
CA ALA A 1096 -2.91 -3.70 -22.56
C ALA A 1096 -3.87 -3.17 -21.51
N PRO A 1097 -5.13 -2.91 -21.87
CA PRO A 1097 -6.08 -2.41 -20.86
C PRO A 1097 -6.39 -3.40 -19.76
N ARG A 1098 -6.17 -4.69 -19.99
CA ARG A 1098 -6.35 -5.72 -18.96
C ARG A 1098 -5.26 -6.77 -19.13
N PRO A 1099 -4.05 -6.47 -18.68
CA PRO A 1099 -2.93 -7.37 -19.01
C PRO A 1099 -2.80 -8.55 -18.08
N TRP A 1100 -3.53 -8.59 -16.96
CA TRP A 1100 -3.44 -9.75 -16.09
C TRP A 1100 -4.50 -10.80 -16.42
N ALA A 1101 -5.50 -10.46 -17.23
CA ALA A 1101 -6.40 -11.48 -17.74
C ALA A 1101 -5.69 -12.42 -18.71
N ALA A 1102 -4.50 -12.04 -19.18
CA ALA A 1102 -3.79 -12.83 -20.17
C ALA A 1102 -2.77 -13.78 -19.55
N PHE A 1103 -2.67 -13.83 -18.22
CA PHE A 1103 -1.65 -14.65 -17.59
C PHE A 1103 -2.15 -16.07 -17.37
N ARG A 1104 -1.33 -17.05 -17.75
CA ARG A 1104 -1.75 -18.45 -17.73
C ARG A 1104 -0.83 -19.33 -16.89
N GLY A 1105 -0.03 -18.74 -16.00
CA GLY A 1105 0.72 -19.54 -15.07
C GLY A 1105 2.21 -19.58 -15.39
N SER A 1106 2.98 -20.09 -14.42
CA SER A 1106 4.42 -20.25 -14.53
C SER A 1106 4.82 -21.63 -14.07
N TRP A 1107 5.86 -22.18 -14.71
CA TRP A 1107 6.35 -23.49 -14.30
C TRP A 1107 7.82 -23.61 -14.69
N VAL A 1108 8.51 -24.53 -14.03
CA VAL A 1108 9.95 -24.67 -14.16
C VAL A 1108 10.26 -25.74 -15.21
N ASN A 1109 11.24 -25.45 -16.07
CA ASN A 1109 11.64 -26.39 -17.10
C ASN A 1109 12.54 -27.48 -16.51
N ARG A 1110 13.15 -28.26 -17.39
CA ARG A 1110 14.04 -29.33 -16.94
C ARG A 1110 15.41 -28.78 -16.52
N LEU A 1111 15.88 -27.73 -17.18
CA LEU A 1111 17.19 -27.16 -16.90
C LEU A 1111 17.20 -26.26 -15.68
N GLY A 1112 16.04 -26.00 -15.07
CA GLY A 1112 15.97 -25.14 -13.91
C GLY A 1112 15.62 -23.70 -14.21
N ARG A 1113 15.00 -23.41 -15.34
CA ARG A 1113 14.58 -22.06 -15.68
C ARG A 1113 13.07 -21.94 -15.59
N VAL A 1114 12.62 -20.85 -14.98
CA VAL A 1114 11.19 -20.59 -14.82
C VAL A 1114 10.67 -19.92 -16.09
N GLU A 1115 9.54 -20.40 -16.58
CA GLU A 1115 8.93 -19.89 -17.79
C GLU A 1115 7.47 -19.53 -17.51
N SER A 1116 6.98 -18.47 -18.17
CA SER A 1116 5.62 -18.00 -17.99
C SER A 1116 4.89 -18.05 -19.32
N VAL A 1117 3.56 -18.17 -19.26
CA VAL A 1117 2.71 -18.29 -20.43
C VAL A 1117 1.69 -17.15 -20.43
N TRP A 1118 1.47 -16.56 -21.60
CA TRP A 1118 0.52 -15.47 -21.76
C TRP A 1118 -0.43 -15.79 -22.91
N ASP A 1119 -1.71 -15.48 -22.74
CA ASP A 1119 -2.71 -15.65 -23.79
C ASP A 1119 -3.13 -14.29 -24.33
N LEU A 1120 -2.56 -13.91 -25.47
CA LEU A 1120 -2.67 -12.55 -25.98
C LEU A 1120 -3.93 -12.28 -26.79
N LYS A 1121 -4.88 -13.22 -26.86
CA LYS A 1121 -6.00 -13.04 -27.77
C LYS A 1121 -6.96 -11.97 -27.27
N GLY A 1122 -7.14 -11.86 -25.96
CA GLY A 1122 -7.95 -10.77 -25.44
C GLY A 1122 -7.30 -9.42 -25.63
N VAL A 1123 -5.97 -9.38 -25.59
CA VAL A 1123 -5.26 -8.14 -25.89
C VAL A 1123 -5.57 -7.66 -27.29
N TRP A 1124 -5.55 -8.59 -28.26
CA TRP A 1124 -5.88 -8.23 -29.63
C TRP A 1124 -7.36 -7.86 -29.76
N ALA A 1125 -8.23 -8.56 -29.05
CA ALA A 1125 -9.65 -8.24 -29.10
C ALA A 1125 -9.92 -6.84 -28.59
N ASP A 1126 -9.15 -6.39 -27.58
CA ASP A 1126 -9.31 -5.04 -27.08
C ASP A 1126 -8.63 -4.02 -27.98
N GLN A 1127 -7.50 -4.38 -28.59
CA GLN A 1127 -6.84 -3.49 -29.53
C GLN A 1127 -7.69 -3.27 -30.78
N ALA A 1128 -8.60 -4.18 -31.08
CA ALA A 1128 -9.48 -4.05 -32.23
C ALA A 1128 -10.68 -3.14 -31.98
N GLN A 1129 -10.93 -2.75 -30.74
N GLN A 1129 -10.88 -2.70 -30.73
CA GLN A 1129 -12.06 -1.89 -30.43
CA GLN A 1129 -12.04 -1.93 -30.33
C GLN A 1129 -11.61 -0.77 -29.51
C GLN A 1129 -11.58 -0.76 -29.48
N SER A 1130 -11.76 0.46 -29.99
CA SER A 1130 -11.40 1.67 -29.25
C SER A 1130 -12.66 2.21 -28.60
N ASP A 1131 -12.61 2.38 -27.26
CA ASP A 1131 -13.77 2.88 -26.55
C ASP A 1131 -13.56 4.30 -26.05
N SER A 1132 -12.33 4.65 -25.67
CA SER A 1132 -12.02 5.97 -25.14
C SER A 1132 -11.46 6.91 -26.20
N GLN A 1133 -11.93 6.80 -27.45
CA GLN A 1133 -11.41 7.61 -28.54
C GLN A 1133 -11.55 9.10 -28.26
N GLY A 1134 -12.71 9.51 -27.75
CA GLY A 1134 -12.97 10.91 -27.47
C GLY A 1134 -13.64 11.15 -26.13
N SER A 1135 -13.34 10.31 -25.15
CA SER A 1135 -14.02 10.39 -23.86
C SER A 1135 -13.59 11.64 -23.10
N THR A 1136 -14.58 12.44 -22.71
CA THR A 1136 -14.35 13.64 -21.90
C THR A 1136 -15.24 13.66 -20.65
N THR A 1137 -15.75 12.51 -20.23
CA THR A 1137 -16.64 12.46 -19.08
C THR A 1137 -15.89 12.81 -17.80
N THR A 1138 -14.58 12.58 -17.78
CA THR A 1138 -13.78 12.88 -16.59
C THR A 1138 -13.91 14.36 -16.21
N ALA A 1139 -13.81 15.25 -17.20
CA ALA A 1139 -13.83 16.68 -16.90
C ALA A 1139 -15.25 17.22 -16.78
N THR A 1140 -16.21 16.54 -17.41
CA THR A 1140 -17.57 17.07 -17.50
C THR A 1140 -18.50 16.57 -16.41
N ARG A 1141 -18.32 15.34 -15.94
CA ARG A 1141 -19.19 14.76 -14.92
C ARG A 1141 -18.50 14.53 -13.59
N ASN A 1142 -17.16 14.61 -13.55
CA ASN A 1142 -16.39 14.46 -12.31
C ASN A 1142 -16.60 13.08 -11.70
N ALA A 1143 -16.68 12.07 -12.56
CA ALA A 1143 -16.81 10.69 -12.11
C ALA A 1143 -15.49 9.97 -12.39
N LEU A 1144 -15.24 8.93 -11.59
CA LEU A 1144 -13.98 8.27 -11.87
C LEU A 1144 -14.13 7.26 -13.00
N PRO A 1145 -13.32 7.38 -14.03
CA PRO A 1145 -13.35 6.41 -15.13
C PRO A 1145 -13.06 5.01 -14.62
N GLU A 1146 -13.53 4.02 -15.39
CA GLU A 1146 -13.35 2.64 -15.00
C GLU A 1146 -11.99 2.13 -15.48
N HIS A 1147 -10.94 2.66 -14.91
CA HIS A 1147 -9.55 2.25 -15.05
C HIS A 1147 -9.04 1.77 -13.71
N PRO A 1148 -8.23 0.72 -13.63
CA PRO A 1148 -7.79 0.22 -12.33
C PRO A 1148 -6.91 1.19 -11.57
N ASN A 1149 -6.22 2.09 -12.27
CA ASN A 1149 -5.31 3.05 -11.64
C ASN A 1149 -5.82 4.48 -11.73
N ALA A 1150 -7.13 4.67 -11.80
CA ALA A 1150 -7.71 6.01 -11.72
C ALA A 1150 -7.83 6.42 -10.25
N LEU A 1151 -7.29 7.58 -9.91
CA LEU A 1151 -7.29 8.06 -8.54
C LEU A 1151 -7.90 9.46 -8.50
N ALA A 1152 -8.70 9.70 -7.46
CA ALA A 1152 -9.37 10.98 -7.31
C ALA A 1152 -8.41 12.06 -6.80
N PHE A 1153 -7.44 12.42 -7.62
CA PHE A 1153 -6.48 13.46 -7.24
C PHE A 1153 -7.14 14.83 -7.25
N GLN A 1154 -6.51 15.77 -6.56
CA GLN A 1154 -6.98 17.15 -6.47
C GLN A 1154 -5.93 18.09 -7.06
N VAL A 1155 -6.16 19.39 -6.90
CA VAL A 1155 -5.30 20.40 -7.50
C VAL A 1155 -4.45 21.06 -6.43
N SER A 1156 -3.20 21.35 -6.76
CA SER A 1156 -2.27 22.03 -5.85
C SER A 1156 -1.88 23.36 -6.47
N VAL A 1157 -2.15 24.44 -5.74
CA VAL A 1157 -2.01 25.81 -6.26
C VAL A 1157 -0.88 26.49 -5.52
N VAL A 1158 0.15 26.91 -6.26
CA VAL A 1158 1.29 27.62 -5.72
C VAL A 1158 1.54 28.87 -6.57
N GLU A 1159 1.66 30.01 -5.90
CA GLU A 1159 1.94 31.26 -6.59
C GLU A 1159 3.42 31.38 -6.92
N ALA A 1160 3.72 32.19 -7.93
CA ALA A 1160 5.09 32.29 -8.43
C ALA A 1160 6.03 32.95 -7.42
N SER A 1161 5.49 33.73 -6.49
CA SER A 1161 6.34 34.39 -5.51
C SER A 1161 6.95 33.39 -4.53
N ALA A 1162 6.45 32.16 -4.52
CA ALA A 1162 6.97 31.16 -3.59
C ALA A 1162 8.34 30.63 -4.01
N TYR A 1163 8.70 30.77 -5.29
CA TYR A 1163 9.96 30.25 -5.80
C TYR A 1163 11.04 31.30 -5.93
N LYS A 1164 10.84 32.47 -5.33
CA LYS A 1164 11.77 33.58 -5.33
C LYS A 1164 12.62 33.57 -4.07
N PRO A 1165 13.90 33.94 -4.16
CA PRO A 1165 14.75 33.95 -2.96
C PRO A 1165 14.49 35.17 -2.10
N ASN A 1166 15.12 35.22 -0.92
CA ASN A 1166 14.95 36.32 0.01
C ASN A 1166 15.60 37.60 -0.53
N SER A 1174 20.80 38.05 4.36
CA SER A 1174 20.62 37.72 2.94
C SER A 1174 21.92 37.18 2.35
N THR A 1175 22.39 36.07 2.92
CA THR A 1175 23.59 35.40 2.41
C THR A 1175 23.21 34.11 1.71
N ASN A 1176 21.96 34.00 1.26
CA ASN A 1176 21.43 32.75 0.72
C ASN A 1176 20.47 33.08 -0.42
N SER A 1177 20.84 32.70 -1.63
CA SER A 1177 20.04 32.95 -2.83
C SER A 1177 19.40 31.66 -3.36
N SER A 1178 18.95 30.80 -2.46
CA SER A 1178 18.38 29.53 -2.90
C SER A 1178 16.86 29.62 -2.92
N PRO A 1179 16.21 29.15 -3.99
CA PRO A 1179 14.74 29.17 -4.01
C PRO A 1179 14.12 28.13 -3.11
N TYR A 1180 14.91 27.20 -2.58
CA TYR A 1180 14.44 26.18 -1.65
C TYR A 1180 15.00 26.39 -0.25
N LEU A 1181 15.10 27.65 0.18
CA LEU A 1181 15.55 27.94 1.53
C LEU A 1181 14.44 27.68 2.54
N HIS A 1182 13.23 28.14 2.24
CA HIS A 1182 12.08 27.90 3.10
C HIS A 1182 11.23 26.78 2.51
N LEU A 1183 10.18 26.42 3.25
CA LEU A 1183 9.16 25.56 2.70
C LEU A 1183 8.34 26.32 1.67
N VAL A 1184 7.72 25.59 0.75
CA VAL A 1184 6.93 26.21 -0.32
C VAL A 1184 5.50 26.36 0.20
N LYS A 1185 5.06 27.60 0.38
CA LYS A 1185 3.72 27.85 0.89
C LYS A 1185 2.71 27.77 -0.25
N PRO A 1186 1.65 26.97 -0.09
CA PRO A 1186 0.62 26.88 -1.12
C PRO A 1186 -0.41 27.97 -0.98
N LYS A 1187 -1.30 28.04 -1.96
CA LYS A 1187 -2.36 29.04 -2.02
C LYS A 1187 -3.71 28.39 -1.77
N LYS A 1188 -4.57 29.11 -1.04
CA LYS A 1188 -5.92 28.62 -0.78
C LYS A 1188 -6.64 28.34 -2.08
N VAL A 1189 -7.47 27.31 -2.09
CA VAL A 1189 -8.14 26.88 -3.31
C VAL A 1189 -9.56 27.40 -3.30
N THR A 1190 -9.95 28.10 -4.36
CA THR A 1190 -11.28 28.68 -4.50
C THR A 1190 -11.91 28.19 -5.80
N GLN A 1191 -13.13 28.65 -6.05
CA GLN A 1191 -13.89 28.19 -7.21
C GLN A 1191 -13.24 28.62 -8.52
N SER A 1192 -12.27 29.52 -8.45
CA SER A 1192 -11.53 29.95 -9.63
C SER A 1192 -10.16 29.29 -9.75
N ASP A 1193 -9.60 28.78 -8.64
CA ASP A 1193 -8.29 28.16 -8.62
C ASP A 1193 -8.30 26.74 -9.20
N LYS A 1194 -9.43 26.32 -9.75
CA LYS A 1194 -9.57 24.96 -10.25
C LYS A 1194 -8.68 24.73 -11.46
N LEU A 1195 -8.61 23.47 -11.88
CA LEU A 1195 -7.84 23.11 -13.05
C LEU A 1195 -8.46 23.68 -14.31
N ASP A 1196 -7.76 23.50 -15.43
CA ASP A 1196 -8.37 23.70 -16.73
C ASP A 1196 -9.08 22.44 -17.18
N ASP A 1197 -9.68 22.49 -18.36
CA ASP A 1197 -10.31 21.30 -18.91
C ASP A 1197 -9.27 20.38 -19.56
N ASP A 1198 -8.30 20.97 -20.25
N ASP A 1198 -8.28 20.96 -20.24
CA ASP A 1198 -7.26 20.18 -20.93
CA ASP A 1198 -7.30 20.12 -20.92
C ASP A 1198 -6.38 19.46 -19.93
C ASP A 1198 -6.36 19.46 -19.93
N LEU A 1199 -6.31 19.94 -18.69
CA LEU A 1199 -5.53 19.27 -17.67
C LEU A 1199 -6.40 18.30 -16.89
N LYS A 1200 -7.65 18.68 -16.62
CA LYS A 1200 -8.59 17.77 -15.99
C LYS A 1200 -8.86 16.55 -16.85
N ASN A 1201 -8.58 16.65 -18.16
CA ASN A 1201 -8.69 15.51 -19.04
C ASN A 1201 -7.71 14.41 -18.68
N LEU A 1202 -6.52 14.75 -18.21
CA LEU A 1202 -5.48 13.77 -17.91
C LEU A 1202 -5.73 13.01 -16.62
N LEU A 1203 -6.79 13.33 -15.88
CA LEU A 1203 -7.16 12.54 -14.71
C LEU A 1203 -7.72 11.18 -15.09
N ASP A 1204 -7.99 10.94 -16.37
CA ASP A 1204 -8.33 9.62 -16.85
C ASP A 1204 -7.06 8.99 -17.43
N PRO A 1205 -6.54 7.91 -16.87
CA PRO A 1205 -5.28 7.35 -17.36
C PRO A 1205 -5.32 6.92 -18.81
N ASN A 1206 -6.51 6.74 -19.40
CA ASN A 1206 -6.59 6.36 -20.79
C ASN A 1206 -6.16 7.48 -21.72
N GLN A 1207 -6.41 8.74 -21.34
CA GLN A 1207 -5.92 9.85 -22.16
C GLN A 1207 -4.40 9.91 -22.16
N VAL A 1208 -3.77 9.76 -21.00
CA VAL A 1208 -2.31 9.71 -20.94
C VAL A 1208 -1.79 8.52 -21.72
N ARG A 1209 -2.48 7.38 -21.61
CA ARG A 1209 -2.09 6.20 -22.37
C ARG A 1209 -2.15 6.46 -23.87
N THR A 1210 -3.20 7.14 -24.33
CA THR A 1210 -3.33 7.46 -25.74
C THR A 1210 -2.20 8.38 -26.19
N LYS A 1211 -1.95 9.44 -25.43
CA LYS A 1211 -0.88 10.36 -25.81
C LYS A 1211 0.47 9.66 -25.86
N LEU A 1212 0.74 8.78 -24.89
CA LEU A 1212 2.04 8.12 -24.85
C LEU A 1212 2.20 7.10 -25.97
N ARG A 1213 1.17 6.28 -26.20
CA ARG A 1213 1.27 5.31 -27.29
C ARG A 1213 1.24 5.99 -28.65
N GLN A 1214 0.66 7.18 -28.73
CA GLN A 1214 0.74 7.96 -29.96
C GLN A 1214 2.15 8.48 -30.17
N SER A 1215 2.81 8.92 -29.10
CA SER A 1215 4.24 9.16 -29.16
C SER A 1215 5.00 7.93 -29.65
N PHE A 1216 4.57 6.74 -29.21
CA PHE A 1216 5.16 5.50 -29.71
C PHE A 1216 4.66 5.16 -31.10
N GLY A 1217 3.91 6.08 -31.72
CA GLY A 1217 3.18 5.82 -32.96
C GLY A 1217 3.94 5.14 -34.08
N THR A 1218 3.51 3.92 -34.40
CA THR A 1218 3.97 3.19 -35.59
C THR A 1218 3.00 2.04 -35.80
N ASP A 1219 2.82 1.62 -37.06
CA ASP A 1219 1.86 0.59 -37.41
C ASP A 1219 2.54 -0.42 -38.32
N HIS A 1220 3.10 -1.48 -37.72
CA HIS A 1220 3.66 -2.61 -38.45
C HIS A 1220 3.17 -3.94 -37.88
N SER A 1221 1.86 -4.09 -37.69
CA SER A 1221 1.25 -5.26 -37.07
C SER A 1221 1.77 -6.57 -37.66
N THR A 1222 1.89 -7.60 -36.82
CA THR A 1222 2.58 -8.82 -37.21
C THR A 1222 1.87 -9.60 -38.30
N GLN A 1223 0.57 -9.89 -38.13
CA GLN A 1223 -0.12 -10.77 -39.08
C GLN A 1223 0.67 -12.06 -39.21
N PRO A 1224 0.55 -12.98 -38.25
CA PRO A 1224 -0.72 -13.21 -37.55
C PRO A 1224 -1.03 -12.47 -36.26
N GLN A 1225 -0.17 -11.57 -35.76
CA GLN A 1225 -0.37 -11.02 -34.42
C GLN A 1225 -0.50 -12.17 -33.44
N PRO A 1226 0.61 -12.83 -33.08
CA PRO A 1226 0.55 -14.10 -32.36
C PRO A 1226 -0.45 -14.11 -31.21
N GLN A 1227 -1.05 -15.28 -30.98
CA GLN A 1227 -2.12 -15.44 -30.02
C GLN A 1227 -1.63 -15.80 -28.62
N SER A 1228 -0.37 -16.16 -28.47
CA SER A 1228 0.18 -16.45 -27.15
C SER A 1228 1.69 -16.32 -27.21
N LEU A 1229 2.28 -15.99 -26.06
CA LEU A 1229 3.71 -15.77 -25.97
C LEU A 1229 4.23 -16.38 -24.69
N LYS A 1230 5.48 -16.82 -24.71
CA LYS A 1230 6.07 -17.61 -23.64
C LYS A 1230 7.43 -17.04 -23.30
N THR A 1231 7.58 -16.55 -22.07
CA THR A 1231 8.81 -15.91 -21.62
C THR A 1231 9.60 -16.85 -20.72
N THR A 1232 10.92 -16.66 -20.68
CA THR A 1232 11.79 -17.50 -19.87
C THR A 1232 12.91 -16.66 -19.28
N THR A 1233 13.28 -16.97 -18.04
CA THR A 1233 14.39 -16.27 -17.41
C THR A 1233 15.70 -16.64 -18.10
N PRO A 1234 16.67 -15.73 -18.12
CA PRO A 1234 17.97 -16.05 -18.70
C PRO A 1234 18.80 -16.88 -17.74
N VAL A 1235 20.04 -17.16 -18.15
CA VAL A 1235 20.95 -17.95 -17.34
C VAL A 1235 21.74 -17.03 -16.42
N PHE A 1236 21.52 -17.17 -15.12
CA PHE A 1236 22.19 -16.36 -14.12
C PHE A 1236 23.38 -17.12 -13.55
N GLY A 1237 24.57 -16.54 -13.67
CA GLY A 1237 25.79 -17.19 -13.25
C GLY A 1237 26.07 -17.13 -11.76
N THR A 1238 27.22 -17.66 -11.36
CA THR A 1238 27.57 -17.68 -9.94
C THR A 1238 28.10 -16.32 -9.47
N SER A 1239 28.40 -15.43 -10.41
CA SER A 1239 28.88 -14.09 -10.09
C SER A 1239 27.82 -13.02 -10.30
N SER A 1240 26.61 -13.40 -10.72
CA SER A 1240 25.54 -12.43 -10.92
C SER A 1240 25.02 -11.95 -9.57
N GLY A 1241 24.83 -10.64 -9.44
CA GLY A 1241 24.29 -10.06 -8.22
C GLY A 1241 25.20 -10.11 -7.03
N ASN A 1242 26.49 -10.40 -7.22
CA ASN A 1242 27.43 -10.49 -6.11
C ASN A 1242 27.93 -9.09 -5.75
N LEU A 1243 27.93 -8.77 -4.46
CA LEU A 1243 28.44 -7.50 -3.98
C LEU A 1243 29.83 -7.59 -3.38
N SER A 1244 30.33 -8.81 -3.14
CA SER A 1244 31.61 -9.02 -2.48
C SER A 1244 32.76 -8.49 -3.34
N SER A 1245 32.57 -8.47 -4.65
CA SER A 1245 33.60 -7.96 -5.55
C SER A 1245 33.80 -6.45 -5.41
N VAL A 1246 32.80 -5.74 -4.89
CA VAL A 1246 32.91 -4.29 -4.70
C VAL A 1246 32.83 -3.89 -3.23
N LEU A 1247 32.28 -4.73 -2.36
CA LEU A 1247 32.19 -4.42 -0.94
C LEU A 1247 33.49 -4.71 -0.19
N SER A 1248 34.50 -5.25 -0.86
CA SER A 1248 35.78 -5.55 -0.22
C SER A 1248 36.61 -4.29 -0.03
N LEU A 1266 35.73 4.94 0.19
CA LEU A 1266 34.36 5.27 -0.22
C LEU A 1266 33.34 4.45 0.59
N SER A 1267 32.17 5.03 0.79
CA SER A 1267 31.11 4.36 1.52
C SER A 1267 30.55 3.21 0.68
N PRO A 1268 29.98 2.19 1.34
CA PRO A 1268 29.38 1.08 0.56
C PRO A 1268 28.29 1.54 -0.37
N VAL A 1269 27.54 2.58 0.00
CA VAL A 1269 26.54 3.15 -0.90
C VAL A 1269 27.20 3.63 -2.19
N GLU A 1270 28.24 4.46 -2.07
CA GLU A 1270 28.93 4.95 -3.26
C GLU A 1270 29.61 3.82 -4.01
N LYS A 1271 30.10 2.79 -3.29
CA LYS A 1271 30.74 1.66 -3.95
C LYS A 1271 29.75 0.90 -4.83
N VAL A 1272 28.57 0.60 -4.28
CA VAL A 1272 27.56 -0.11 -5.07
C VAL A 1272 27.09 0.73 -6.23
N SER A 1273 26.93 2.04 -6.01
CA SER A 1273 26.54 2.93 -7.10
C SER A 1273 27.58 2.93 -8.21
N GLY A 1274 28.85 2.98 -7.84
CA GLY A 1274 29.91 2.98 -8.83
C GLY A 1274 30.01 1.68 -9.60
N TRP A 1275 29.86 0.56 -8.89
CA TRP A 1275 29.83 -0.75 -9.57
C TRP A 1275 28.66 -0.83 -10.53
N LEU A 1276 27.50 -0.30 -10.15
CA LEU A 1276 26.36 -0.30 -11.04
C LEU A 1276 26.61 0.55 -12.28
N VAL A 1277 27.17 1.75 -12.10
CA VAL A 1277 27.40 2.63 -13.24
C VAL A 1277 28.47 2.06 -14.16
N GLY A 1278 29.49 1.42 -13.59
CA GLY A 1278 30.45 0.70 -14.40
C GLY A 1278 29.88 -0.50 -15.12
N GLN A 1279 28.80 -1.09 -14.58
CA GLN A 1279 28.07 -2.16 -15.24
C GLN A 1279 26.86 -1.63 -16.01
N LEU A 1280 26.85 -0.33 -16.33
CA LEU A 1280 25.73 0.30 -17.03
C LEU A 1280 26.07 0.46 -18.50
N PRO A 1281 25.09 0.38 -19.41
CA PRO A 1281 25.34 0.59 -20.84
C PRO A 1281 25.75 2.03 -21.16
N THR A 1291 18.24 8.94 -28.46
CA THR A 1291 17.09 9.78 -28.78
C THR A 1291 15.92 8.94 -29.33
N ASN A 1292 15.20 8.28 -28.42
CA ASN A 1292 14.10 7.42 -28.82
C ASN A 1292 13.04 7.35 -27.72
N ASN A 1293 11.80 7.04 -28.10
CA ASN A 1293 10.73 6.92 -27.12
C ASN A 1293 10.75 5.61 -26.37
N LEU A 1294 11.38 4.57 -26.92
CA LEU A 1294 11.49 3.27 -26.28
C LEU A 1294 12.96 2.85 -26.29
N ALA A 1295 13.49 2.52 -25.11
CA ALA A 1295 14.89 2.15 -25.00
C ALA A 1295 15.10 0.72 -25.51
N PRO A 1296 15.85 0.55 -26.60
CA PRO A 1296 16.10 -0.80 -27.12
C PRO A 1296 16.87 -1.65 -26.12
N ASN A 1297 16.45 -2.91 -26.01
CA ASN A 1297 17.04 -3.85 -25.06
C ASN A 1297 18.22 -4.52 -25.76
N THR A 1298 19.39 -3.90 -25.62
CA THR A 1298 20.62 -4.38 -26.25
C THR A 1298 21.34 -5.44 -25.43
N ASN A 1299 20.82 -5.78 -24.25
CA ASN A 1299 21.35 -6.77 -23.31
C ASN A 1299 22.70 -6.36 -22.74
N THR A 1300 23.02 -5.06 -22.70
CA THR A 1300 24.19 -4.62 -21.94
C THR A 1300 23.86 -4.55 -20.46
N GLY A 1301 22.62 -4.17 -20.13
CA GLY A 1301 22.11 -4.22 -18.78
C GLY A 1301 21.64 -5.62 -18.44
N ASN A 1302 22.59 -6.50 -18.12
CA ASN A 1302 22.37 -7.94 -18.17
C ASN A 1302 23.09 -8.67 -17.05
N ASP A 1303 23.36 -9.96 -17.25
CA ASP A 1303 23.63 -10.87 -16.15
C ASP A 1303 24.97 -10.57 -15.49
N VAL A 1304 25.04 -9.42 -14.83
CA VAL A 1304 26.14 -9.11 -13.91
C VAL A 1304 25.52 -8.64 -12.61
N VAL A 1305 24.28 -8.16 -12.69
CA VAL A 1305 23.54 -7.72 -11.51
C VAL A 1305 22.34 -8.62 -11.25
N GLY A 1306 21.75 -9.15 -12.32
CA GLY A 1306 20.47 -9.81 -12.25
C GLY A 1306 19.30 -8.92 -12.59
N VAL A 1307 19.54 -7.64 -12.84
CA VAL A 1307 18.49 -6.70 -13.24
C VAL A 1307 18.56 -6.56 -14.75
N GLY A 1308 17.70 -7.28 -15.45
CA GLY A 1308 17.69 -7.25 -16.90
C GLY A 1308 16.35 -7.70 -17.40
N ARG A 1309 16.13 -7.45 -18.69
CA ARG A 1309 14.85 -7.74 -19.33
C ARG A 1309 14.98 -8.98 -20.20
N LEU A 1310 13.90 -9.27 -20.92
CA LEU A 1310 13.87 -10.44 -21.79
C LEU A 1310 14.56 -10.15 -23.12
N SER A 1311 15.49 -11.03 -23.49
CA SER A 1311 15.98 -11.04 -24.86
C SER A 1311 14.93 -11.63 -25.79
N GLU A 1312 15.08 -11.36 -27.08
N GLU A 1312 15.09 -11.38 -27.08
CA GLU A 1312 14.14 -11.87 -28.07
CA GLU A 1312 14.11 -11.88 -28.05
C GLU A 1312 14.16 -13.40 -28.12
C GLU A 1312 14.18 -13.40 -28.18
N SER A 1313 15.33 -14.00 -27.88
CA SER A 1313 15.46 -15.44 -27.97
C SER A 1313 14.82 -16.15 -26.77
N ASN A 1314 14.76 -15.49 -25.62
CA ASN A 1314 14.19 -16.08 -24.42
C ASN A 1314 12.69 -15.78 -24.28
N ALA A 1315 12.06 -15.25 -25.32
CA ALA A 1315 10.63 -14.95 -25.31
C ALA A 1315 10.03 -15.55 -26.58
N ALA A 1316 9.45 -16.75 -26.45
CA ALA A 1316 8.95 -17.50 -27.60
C ALA A 1316 7.47 -17.20 -27.81
N LYS A 1317 7.12 -16.75 -29.01
CA LYS A 1317 5.73 -16.52 -29.36
C LYS A 1317 5.09 -17.80 -29.84
N MET A 1318 3.75 -17.84 -29.83
CA MET A 1318 2.99 -18.99 -30.29
C MET A 1318 1.98 -18.55 -31.34
N ASN A 1319 1.33 -19.53 -31.97
CA ASN A 1319 0.35 -19.24 -33.01
C ASN A 1319 -1.08 -19.39 -32.55
N ASP A 1320 -1.33 -20.27 -31.58
CA ASP A 1320 -2.67 -20.57 -31.11
C ASP A 1320 -2.77 -20.25 -29.62
N ASP A 1321 -3.92 -19.72 -29.22
CA ASP A 1321 -4.11 -19.26 -27.84
C ASP A 1321 -4.22 -20.44 -26.88
N VAL A 1322 -4.25 -20.10 -25.59
CA VAL A 1322 -4.24 -21.10 -24.52
C VAL A 1322 -5.03 -20.55 -23.34
N ASP A 1323 -5.96 -21.33 -22.83
CA ASP A 1323 -6.67 -21.03 -21.58
C ASP A 1323 -6.18 -21.88 -20.42
N GLY A 1324 -6.01 -23.18 -20.64
CA GLY A 1324 -5.45 -24.05 -19.63
C GLY A 1324 -4.22 -24.74 -20.16
N ILE A 1325 -3.33 -25.10 -19.24
CA ILE A 1325 -2.05 -25.72 -19.57
C ILE A 1325 -1.96 -27.05 -18.84
N VAL A 1326 -1.91 -28.14 -19.60
CA VAL A 1326 -1.82 -29.49 -19.04
C VAL A 1326 -0.35 -29.82 -18.88
N ARG A 1327 0.05 -30.10 -17.64
CA ARG A 1327 1.43 -30.47 -17.32
C ARG A 1327 1.44 -31.82 -16.64
N THR A 1328 2.13 -32.78 -17.24
CA THR A 1328 2.27 -34.11 -16.66
C THR A 1328 3.61 -34.25 -15.95
#